data_2HML
#
_entry.id   2HML
#
_cell.length_a   139.865
_cell.length_b   139.865
_cell.length_c   208.431
_cell.angle_alpha   90.000
_cell.angle_beta   90.000
_cell.angle_gamma   120.000
#
_symmetry.space_group_name_H-M   'H 3 2'
#
loop_
_entity.id
_entity.type
_entity.pdbx_description
1 polymer 'Naphthalene 1,2-dioxygenase alpha subunit'
2 polymer 'Naphthalene 1,2-dioxygenase beta subunit'
3 non-polymer 'FE (III) ION'
4 non-polymer 'SULFATE ION'
5 non-polymer 'FE2/S2 (INORGANIC) CLUSTER'
6 non-polymer PHENANTHRENE
7 non-polymer 1,2-ETHANEDIOL
8 water water
#
loop_
_entity_poly.entity_id
_entity_poly.type
_entity_poly.pdbx_seq_one_letter_code
_entity_poly.pdbx_strand_id
1 'polypeptide(L)'
;MNYNNKILVSESGLSQKHLIHGDEELFQHELKTIFARNWLFLTHDSLIPAPGDYVTAKMGIDEVIVSRQNDGSIRAFLNV
CRHRGKTLVSVEAGNAKGFVCSYHGWGFGSNGELQSVPFEKDLYGESLNKKCLGLKEVARVESFHGFIYGCFDQEAPPLM
DYLGDAAWYLEPMFKHSGGLELVGPPGKVVIKANWKAPAENFVGDAYHVGWTHASSLRSGESIFSSLAGNAALPPEGAGL
QMTSKYGSGMGVLWDGYSGVHSADLVPELMAFGGAKQERLNKEIGDVRARIYRSHLNCTVFPNNSMLTCSGVFKVWNPID
ANTTEVWTYAIVEKDMPEDLKRRLADSVQRTVGPAGFWESDDNDNMETASQNGKKYQSRDSDLLSNLGFGEDVYGDAVYP
GVVGKSAIGETSYRGFYRAYQAHVSSSNWAEFEHASSTWHTELTKTTDR
;
A
2 'polypeptide(L)'
;MMINIQEDKLVSAHDAEEILRFFNCHDSALQQEATTLLTQEAHLLDIQAYRAWLEHCVGSEVQYQVISRELRAASERRYK
LNEAMNVYNENFQQLKVRVEHQLDPQNWGNSPKLRFTRFITNVQAAMDVNDKELLHIRSNVILHRARRGNQVDVFYAARE
DKWKRGEGGVRKLVQRFVDYPERILQTHNLMVFL
;
B
#
# COMPACT_ATOMS: atom_id res chain seq x y z
N MET A 1 14.12 24.18 -17.23
CA MET A 1 14.97 23.06 -17.72
C MET A 1 14.41 22.57 -19.05
N ASN A 2 15.29 22.29 -20.02
CA ASN A 2 14.85 21.85 -21.35
C ASN A 2 14.80 20.33 -21.40
N TYR A 3 13.60 19.77 -21.31
CA TYR A 3 13.43 18.31 -21.18
C TYR A 3 13.74 17.54 -22.44
N ASN A 4 13.74 18.21 -23.59
CA ASN A 4 14.19 17.60 -24.85
C ASN A 4 15.68 17.31 -24.83
N ASN A 5 16.44 18.19 -24.19
CA ASN A 5 17.89 18.14 -24.25
C ASN A 5 18.55 17.62 -22.99
N LYS A 6 18.04 18.01 -21.82
CA LYS A 6 18.67 17.65 -20.55
C LYS A 6 18.83 16.14 -20.39
N ILE A 7 20.05 15.70 -20.13
CA ILE A 7 20.29 14.30 -19.86
C ILE A 7 20.05 14.05 -18.38
N LEU A 8 18.85 13.61 -18.05
CA LEU A 8 18.50 13.23 -16.69
C LEU A 8 18.91 11.78 -16.37
N VAL A 9 18.92 10.92 -17.40
CA VAL A 9 19.32 9.52 -17.27
C VAL A 9 20.37 9.25 -18.33
N SER A 10 21.50 8.67 -17.94
CA SER A 10 22.60 8.47 -18.87
C SER A 10 22.32 7.26 -19.76
N GLU A 11 23.14 7.12 -20.80
CA GLU A 11 22.95 6.04 -21.76
C GLU A 11 22.92 4.70 -21.02
N SER A 12 22.05 3.81 -21.48
CA SER A 12 21.87 2.47 -20.92
C SER A 12 21.27 2.46 -19.50
N GLY A 13 20.79 3.62 -19.04
CA GLY A 13 20.18 3.74 -17.71
C GLY A 13 21.17 3.61 -16.57
N LEU A 14 22.44 3.90 -16.83
CA LEU A 14 23.50 3.59 -15.89
C LEU A 14 23.51 4.52 -14.67
N SER A 15 22.97 5.71 -14.86
CA SER A 15 22.92 6.71 -13.78
C SER A 15 21.79 7.71 -14.02
N GLN A 16 21.34 8.34 -12.93
CA GLN A 16 20.29 9.37 -12.99
C GLN A 16 20.73 10.58 -12.17
N LYS A 17 20.37 11.76 -12.63
CA LYS A 17 20.66 12.95 -11.84
C LYS A 17 19.80 12.94 -10.59
N HIS A 18 20.44 13.13 -9.44
CA HIS A 18 19.76 13.08 -8.14
C HIS A 18 18.58 14.08 -8.04
N LEU A 19 18.66 15.18 -8.78
CA LEU A 19 17.58 16.16 -8.80
C LEU A 19 16.26 15.54 -9.23
N ILE A 20 16.27 14.41 -9.92
CA ILE A 20 14.98 13.86 -10.37
C ILE A 20 14.05 13.52 -9.19
N HIS A 21 14.62 13.28 -8.01
CA HIS A 21 13.82 12.99 -6.81
C HIS A 21 13.37 14.24 -6.05
N GLY A 22 13.84 15.42 -6.45
CA GLY A 22 13.56 16.65 -5.70
C GLY A 22 13.01 17.83 -6.45
N ASP A 23 13.14 17.83 -7.77
CA ASP A 23 12.84 19.01 -8.57
C ASP A 23 11.32 19.13 -8.83
N GLU A 24 10.70 20.20 -8.31
CA GLU A 24 9.26 20.38 -8.44
C GLU A 24 8.83 20.71 -9.87
N GLU A 25 9.68 21.40 -10.63
CA GLU A 25 9.35 21.68 -12.05
C GLU A 25 9.31 20.36 -12.83
N LEU A 26 10.23 19.45 -12.53
CA LEU A 26 10.24 18.13 -13.16
C LEU A 26 9.03 17.31 -12.70
N PHE A 27 8.69 17.41 -11.43
CA PHE A 27 7.46 16.79 -10.95
C PHE A 27 6.25 17.25 -11.76
N GLN A 28 6.11 18.55 -11.96
CA GLN A 28 5.03 19.07 -12.79
C GLN A 28 5.08 18.54 -14.21
N HIS A 29 6.29 18.46 -14.77
CA HIS A 29 6.50 17.86 -16.10
C HIS A 29 6.14 16.38 -16.16
N GLU A 30 6.38 15.66 -15.07
CA GLU A 30 5.96 14.26 -14.95
C GLU A 30 4.44 14.07 -14.98
N LEU A 31 3.71 15.01 -14.39
CA LEU A 31 2.25 14.94 -14.44
C LEU A 31 1.82 14.82 -15.90
N LYS A 32 2.45 15.60 -16.77
CA LYS A 32 2.18 15.55 -18.20
C LYS A 32 2.76 14.32 -18.92
N THR A 33 4.06 14.09 -18.77
CA THR A 33 4.77 13.11 -19.61
C THR A 33 4.77 11.67 -19.05
N ILE A 34 4.47 11.53 -17.75
CA ILE A 34 4.44 10.20 -17.11
C ILE A 34 3.00 9.84 -16.77
N PHE A 35 2.40 10.62 -15.88
CA PHE A 35 1.12 10.25 -15.32
C PHE A 35 -0.08 10.42 -16.27
N ALA A 36 -0.07 11.44 -17.12
CA ALA A 36 -1.20 11.66 -18.04
C ALA A 36 -1.08 10.77 -19.29
N ARG A 37 0.08 10.13 -19.43
CA ARG A 37 0.39 9.39 -20.62
C ARG A 37 0.33 7.88 -20.44
N ASN A 38 0.59 7.39 -19.22
CA ASN A 38 0.80 5.98 -19.00
C ASN A 38 -0.36 5.29 -18.27
N TRP A 39 -0.27 3.97 -18.15
CA TRP A 39 -1.30 3.22 -17.50
C TRP A 39 -1.09 3.23 -15.99
N LEU A 40 -2.16 3.55 -15.28
CA LEU A 40 -2.17 3.72 -13.83
C LEU A 40 -3.19 2.79 -13.20
N PHE A 41 -2.83 2.20 -12.07
CA PHE A 41 -3.73 1.26 -11.42
C PHE A 41 -4.93 1.93 -10.75
N LEU A 42 -6.13 1.36 -10.94
CA LEU A 42 -7.35 1.94 -10.41
C LEU A 42 -7.94 1.10 -9.28
N THR A 43 -8.28 -0.13 -9.61
CA THR A 43 -8.95 -1.02 -8.68
C THR A 43 -8.96 -2.43 -9.23
N HIS A 44 -9.69 -3.31 -8.53
CA HIS A 44 -9.88 -4.70 -8.97
C HIS A 44 -11.37 -5.03 -9.08
N ASP A 45 -11.71 -5.95 -9.99
CA ASP A 45 -13.08 -6.48 -10.08
C ASP A 45 -13.68 -6.81 -8.71
N SER A 46 -12.87 -7.35 -7.82
CA SER A 46 -13.34 -7.81 -6.52
C SER A 46 -13.83 -6.68 -5.62
N LEU A 47 -13.40 -5.45 -5.93
CA LEU A 47 -13.79 -4.25 -5.16
C LEU A 47 -15.02 -3.53 -5.73
N ILE A 48 -15.33 -3.74 -7.01
CA ILE A 48 -16.55 -3.19 -7.61
C ILE A 48 -17.22 -4.27 -8.46
N PRO A 49 -17.62 -5.39 -7.84
CA PRO A 49 -18.15 -6.54 -8.61
C PRO A 49 -19.53 -6.36 -9.24
N ALA A 50 -20.40 -5.59 -8.61
CA ALA A 50 -21.79 -5.50 -9.03
C ALA A 50 -22.09 -4.14 -9.65
N PRO A 51 -23.08 -4.08 -10.56
CA PRO A 51 -23.51 -2.83 -11.15
C PRO A 51 -23.80 -1.75 -10.13
N GLY A 52 -23.26 -0.56 -10.36
CA GLY A 52 -23.40 0.57 -9.45
C GLY A 52 -22.28 0.66 -8.42
N ASP A 53 -21.50 -0.40 -8.24
CA ASP A 53 -20.37 -0.34 -7.33
C ASP A 53 -19.35 0.65 -7.87
N TYR A 54 -18.80 1.46 -6.97
CA TYR A 54 -17.79 2.42 -7.40
C TYR A 54 -16.74 2.53 -6.30
N VAL A 55 -15.56 3.00 -6.71
CA VAL A 55 -14.52 3.46 -5.80
C VAL A 55 -13.95 4.77 -6.34
N THR A 56 -13.28 5.52 -5.48
CA THR A 56 -12.45 6.61 -5.96
C THR A 56 -10.99 6.16 -6.00
N ALA A 57 -10.23 6.71 -6.94
CA ALA A 57 -8.84 6.40 -7.08
C ALA A 57 -8.10 7.66 -7.50
N LYS A 58 -6.79 7.70 -7.25
CA LYS A 58 -5.95 8.73 -7.82
C LYS A 58 -5.38 8.24 -9.14
N MET A 59 -5.21 9.17 -10.08
CA MET A 59 -4.45 8.98 -11.29
C MET A 59 -3.53 10.18 -11.34
N GLY A 60 -2.27 9.98 -10.99
CA GLY A 60 -1.41 11.13 -10.74
C GLY A 60 -1.95 11.93 -9.57
N ILE A 61 -2.07 13.25 -9.73
CA ILE A 61 -2.70 14.08 -8.66
C ILE A 61 -4.20 14.26 -8.84
N ASP A 62 -4.75 13.79 -9.95
CA ASP A 62 -6.18 13.85 -10.20
C ASP A 62 -6.91 12.73 -9.47
N GLU A 63 -8.18 12.97 -9.14
CA GLU A 63 -9.05 11.95 -8.56
C GLU A 63 -10.13 11.52 -9.56
N VAL A 64 -10.35 10.22 -9.64
CA VAL A 64 -11.36 9.66 -10.54
C VAL A 64 -12.36 8.82 -9.75
N ILE A 65 -13.59 8.75 -10.28
CA ILE A 65 -14.60 7.79 -9.87
C ILE A 65 -14.56 6.59 -10.84
N VAL A 66 -14.50 5.36 -10.30
CA VAL A 66 -14.38 4.15 -11.13
C VAL A 66 -15.64 3.34 -10.85
N SER A 67 -16.47 3.14 -11.87
CA SER A 67 -17.83 2.65 -11.67
C SER A 67 -18.14 1.44 -12.54
N ARG A 68 -18.69 0.40 -11.92
CA ARG A 68 -19.23 -0.75 -12.65
C ARG A 68 -20.53 -0.36 -13.34
N GLN A 69 -20.55 -0.48 -14.66
CA GLN A 69 -21.71 -0.17 -15.48
C GLN A 69 -22.70 -1.34 -15.47
N ASN A 70 -23.93 -1.02 -15.86
CA ASN A 70 -25.00 -2.02 -15.97
C ASN A 70 -24.66 -3.17 -16.90
N ASP A 71 -23.90 -2.90 -17.95
CA ASP A 71 -23.51 -3.92 -18.93
C ASP A 71 -22.26 -4.72 -18.51
N GLY A 72 -21.77 -4.50 -17.28
CA GLY A 72 -20.61 -5.21 -16.78
C GLY A 72 -19.26 -4.58 -17.08
N SER A 73 -19.23 -3.55 -17.93
CA SER A 73 -17.99 -2.84 -18.17
C SER A 73 -17.68 -1.90 -17.00
N ILE A 74 -16.48 -1.33 -17.03
CA ILE A 74 -16.08 -0.33 -16.06
C ILE A 74 -15.72 0.96 -16.80
N ARG A 75 -16.25 2.09 -16.33
CA ARG A 75 -15.84 3.40 -16.83
C ARG A 75 -15.34 4.26 -15.68
N ALA A 76 -14.45 5.21 -16.00
CA ALA A 76 -13.86 6.09 -14.98
C ALA A 76 -13.96 7.56 -15.43
N PHE A 77 -14.22 8.44 -14.46
CA PHE A 77 -14.48 9.84 -14.74
C PHE A 77 -13.78 10.70 -13.70
N LEU A 78 -13.36 11.89 -14.11
CA LEU A 78 -12.83 12.83 -13.15
C LEU A 78 -13.87 13.13 -12.08
N ASN A 79 -13.44 13.15 -10.83
CA ASN A 79 -14.30 13.43 -9.69
C ASN A 79 -14.46 14.94 -9.51
N VAL A 80 -14.98 15.60 -10.54
CA VAL A 80 -15.08 17.05 -10.62
C VAL A 80 -16.39 17.41 -11.34
N CYS A 81 -17.26 18.17 -10.66
CA CYS A 81 -18.51 18.61 -11.26
C CYS A 81 -18.29 19.52 -12.47
N ARG A 82 -19.08 19.30 -13.52
CA ARG A 82 -18.95 20.06 -14.79
C ARG A 82 -19.49 21.50 -14.74
N HIS A 83 -20.15 21.85 -13.64
CA HIS A 83 -20.67 23.21 -13.42
C HIS A 83 -19.56 24.13 -12.89
N ARG A 84 -19.37 24.21 -11.57
CA ARG A 84 -18.30 25.05 -11.00
C ARG A 84 -17.17 24.26 -10.30
N GLY A 85 -16.99 22.97 -10.61
CA GLY A 85 -15.73 22.27 -10.33
C GLY A 85 -15.54 21.70 -8.94
N LYS A 86 -16.64 21.58 -8.21
CA LYS A 86 -16.66 20.97 -6.89
C LYS A 86 -16.35 19.48 -6.98
N THR A 87 -15.73 18.90 -5.94
CA THR A 87 -15.49 17.45 -5.91
C THR A 87 -16.81 16.70 -5.69
N LEU A 88 -17.12 15.81 -6.61
CA LEU A 88 -18.43 15.20 -6.67
C LEU A 88 -18.65 14.19 -5.54
N VAL A 89 -17.69 13.28 -5.40
CA VAL A 89 -17.78 12.15 -4.47
C VAL A 89 -16.75 12.32 -3.35
N SER A 90 -17.20 12.27 -2.11
CA SER A 90 -16.31 12.47 -0.95
C SER A 90 -15.98 11.19 -0.18
N VAL A 91 -16.50 10.06 -0.63
CA VAL A 91 -16.22 8.77 0.00
C VAL A 91 -15.27 7.93 -0.86
N GLU A 92 -14.80 6.80 -0.32
CA GLU A 92 -13.84 5.95 -1.00
C GLU A 92 -14.46 4.80 -1.79
N ALA A 93 -15.65 4.36 -1.36
CA ALA A 93 -16.36 3.26 -2.01
C ALA A 93 -17.85 3.31 -1.72
N GLY A 94 -18.65 2.73 -2.60
CA GLY A 94 -20.07 2.62 -2.37
C GLY A 94 -20.79 1.98 -3.53
N ASN A 95 -22.11 2.10 -3.52
CA ASN A 95 -22.96 1.67 -4.61
C ASN A 95 -24.04 2.72 -4.86
N ALA A 96 -24.16 3.17 -6.11
CA ALA A 96 -25.07 4.23 -6.47
C ALA A 96 -25.34 4.16 -7.95
N LYS A 97 -26.51 4.62 -8.36
CA LYS A 97 -26.85 4.79 -9.78
C LYS A 97 -26.31 6.10 -10.34
N GLY A 98 -25.75 6.93 -9.47
CA GLY A 98 -25.27 8.22 -9.90
C GLY A 98 -24.81 9.05 -8.73
N PHE A 99 -24.33 10.26 -9.02
CA PHE A 99 -23.73 11.14 -8.03
C PHE A 99 -24.28 12.55 -8.17
N VAL A 100 -24.76 13.11 -7.07
CA VAL A 100 -25.31 14.45 -7.03
C VAL A 100 -24.32 15.38 -6.36
N CYS A 101 -24.06 16.51 -7.02
CA CYS A 101 -23.17 17.52 -6.48
C CYS A 101 -23.81 18.29 -5.34
N SER A 102 -23.06 18.50 -4.25
CA SER A 102 -23.59 19.15 -3.05
C SER A 102 -23.59 20.69 -3.13
N TYR A 103 -23.17 21.25 -4.26
CA TYR A 103 -23.12 22.68 -4.39
C TYR A 103 -24.48 23.13 -4.95
N HIS A 104 -24.78 22.79 -6.20
CA HIS A 104 -26.02 23.21 -6.84
C HIS A 104 -26.93 22.05 -7.25
N GLY A 105 -26.54 20.82 -6.91
CA GLY A 105 -27.43 19.68 -7.05
C GLY A 105 -27.47 18.99 -8.39
N TRP A 106 -26.53 19.30 -9.28
CA TRP A 106 -26.44 18.62 -10.59
C TRP A 106 -26.25 17.11 -10.36
N GLY A 107 -26.96 16.31 -11.14
CA GLY A 107 -26.98 14.87 -10.94
C GLY A 107 -26.40 14.14 -12.15
N PHE A 108 -25.33 13.38 -11.87
CA PHE A 108 -24.63 12.62 -12.90
C PHE A 108 -24.88 11.14 -12.73
N GLY A 109 -24.99 10.43 -13.85
CA GLY A 109 -25.22 9.00 -13.82
C GLY A 109 -23.90 8.29 -13.54
N SER A 110 -24.01 7.02 -13.15
CA SER A 110 -22.85 6.12 -13.05
C SER A 110 -22.08 6.03 -14.37
N ASN A 111 -22.78 6.34 -15.47
CA ASN A 111 -22.17 6.43 -16.78
C ASN A 111 -21.60 7.80 -17.14
N GLY A 112 -21.50 8.70 -16.17
CA GLY A 112 -20.91 10.01 -16.39
C GLY A 112 -21.85 11.07 -16.96
N GLU A 113 -23.05 10.68 -17.40
CA GLU A 113 -23.90 11.60 -18.14
C GLU A 113 -24.55 12.59 -17.18
N LEU A 114 -24.72 13.83 -17.62
CA LEU A 114 -25.47 14.80 -16.83
C LEU A 114 -26.93 14.45 -17.01
N GLN A 115 -27.52 13.90 -15.96
CA GLN A 115 -28.85 13.33 -16.01
C GLN A 115 -29.91 14.28 -15.49
N SER A 116 -29.57 15.10 -14.51
CA SER A 116 -30.54 16.05 -14.02
C SER A 116 -29.91 17.33 -13.51
N VAL A 117 -30.66 18.41 -13.68
CA VAL A 117 -30.27 19.72 -13.24
C VAL A 117 -31.47 20.28 -12.49
N PRO A 118 -31.28 20.64 -11.22
CA PRO A 118 -32.45 21.15 -10.47
C PRO A 118 -33.13 22.33 -11.15
N PHE A 119 -34.44 22.20 -11.32
CA PHE A 119 -35.29 23.23 -11.94
C PHE A 119 -34.84 23.62 -13.35
N GLU A 120 -34.35 22.63 -14.10
CA GLU A 120 -33.76 22.90 -15.41
C GLU A 120 -34.73 23.70 -16.29
N LYS A 121 -36.00 23.29 -16.29
CA LYS A 121 -37.01 23.91 -17.15
C LYS A 121 -37.19 25.39 -16.82
N ASP A 122 -37.43 25.68 -15.55
CA ASP A 122 -37.63 27.04 -15.09
C ASP A 122 -36.40 27.93 -15.32
N LEU A 123 -35.20 27.35 -15.20
CA LEU A 123 -33.97 28.13 -15.15
C LEU A 123 -33.25 28.20 -16.49
N TYR A 124 -33.00 27.04 -17.07
CA TYR A 124 -32.26 26.96 -18.32
C TYR A 124 -33.16 26.82 -19.55
N GLY A 125 -34.43 26.51 -19.33
CA GLY A 125 -35.32 26.20 -20.43
C GLY A 125 -34.84 24.98 -21.19
N GLU A 126 -34.73 25.12 -22.52
CA GLU A 126 -34.27 24.05 -23.39
C GLU A 126 -32.83 24.28 -23.83
N SER A 127 -32.16 25.23 -23.18
CA SER A 127 -30.91 25.79 -23.66
C SER A 127 -29.64 25.12 -23.13
N LEU A 128 -29.74 24.32 -22.07
CA LEU A 128 -28.57 23.66 -21.51
C LEU A 128 -28.34 22.35 -22.25
N ASN A 129 -27.18 22.22 -22.90
CA ASN A 129 -26.89 21.01 -23.65
C ASN A 129 -26.22 19.99 -22.75
N LYS A 130 -27.03 19.22 -22.04
CA LYS A 130 -26.54 18.26 -21.04
C LYS A 130 -25.70 17.17 -21.69
N LYS A 131 -26.02 16.82 -22.93
CA LYS A 131 -25.25 15.89 -23.74
C LYS A 131 -23.75 16.24 -23.82
N CYS A 132 -23.44 17.52 -23.72
CA CYS A 132 -22.07 18.00 -23.75
C CYS A 132 -21.47 18.27 -22.38
N LEU A 133 -22.18 17.91 -21.32
CA LEU A 133 -21.73 18.23 -19.96
C LEU A 133 -21.56 16.99 -19.10
N GLY A 134 -21.26 15.87 -19.73
CA GLY A 134 -20.96 14.66 -18.98
C GLY A 134 -19.60 14.82 -18.31
N LEU A 135 -19.37 14.02 -17.27
CA LEU A 135 -18.10 14.10 -16.54
C LEU A 135 -16.94 13.80 -17.48
N LYS A 136 -15.78 14.41 -17.22
CA LYS A 136 -14.61 14.18 -18.07
C LYS A 136 -14.14 12.73 -17.93
N GLU A 137 -14.25 11.96 -19.01
CA GLU A 137 -14.02 10.53 -18.92
C GLU A 137 -12.57 10.15 -19.16
N VAL A 138 -12.12 9.15 -18.42
CA VAL A 138 -10.79 8.56 -18.60
C VAL A 138 -10.84 7.78 -19.91
N ALA A 139 -10.00 8.19 -20.85
CA ALA A 139 -10.10 7.71 -22.24
C ALA A 139 -10.01 6.20 -22.35
N ARG A 140 -9.15 5.59 -21.54
CA ARG A 140 -8.83 4.17 -21.67
C ARG A 140 -8.90 3.47 -20.32
N VAL A 141 -9.65 2.37 -20.27
CA VAL A 141 -9.81 1.55 -19.08
C VAL A 141 -9.79 0.08 -19.53
N GLU A 142 -8.78 -0.66 -19.05
CA GLU A 142 -8.58 -2.04 -19.44
C GLU A 142 -8.25 -2.90 -18.22
N SER A 143 -8.40 -4.21 -18.39
CA SER A 143 -8.23 -5.16 -17.30
C SER A 143 -7.12 -6.16 -17.60
N PHE A 144 -6.31 -6.46 -16.59
CA PHE A 144 -5.34 -7.54 -16.66
C PHE A 144 -5.76 -8.55 -15.60
N HIS A 145 -6.54 -9.54 -16.01
CA HIS A 145 -7.00 -10.57 -15.08
C HIS A 145 -7.67 -10.04 -13.81
N GLY A 146 -8.52 -9.03 -13.99
CA GLY A 146 -9.29 -8.43 -12.91
C GLY A 146 -8.70 -7.13 -12.36
N PHE A 147 -7.43 -6.90 -12.64
CA PHE A 147 -6.75 -5.68 -12.21
C PHE A 147 -7.00 -4.61 -13.24
N ILE A 148 -7.61 -3.52 -12.80
CA ILE A 148 -8.16 -2.48 -13.69
C ILE A 148 -7.23 -1.28 -13.65
N TYR A 149 -6.80 -0.88 -14.84
CA TYR A 149 -5.89 0.21 -15.02
C TYR A 149 -6.58 1.24 -15.91
N GLY A 150 -6.20 2.50 -15.77
CA GLY A 150 -6.71 3.57 -16.61
C GLY A 150 -5.59 4.35 -17.27
N CYS A 151 -5.90 4.99 -18.38
CA CYS A 151 -4.95 5.90 -19.00
C CYS A 151 -5.70 7.06 -19.60
N PHE A 152 -5.23 8.27 -19.32
CA PHE A 152 -5.84 9.48 -19.87
C PHE A 152 -5.53 9.67 -21.38
N ASP A 153 -4.51 8.98 -21.89
CA ASP A 153 -4.06 9.17 -23.27
C ASP A 153 -4.63 8.10 -24.21
N GLN A 154 -5.53 8.50 -25.11
CA GLN A 154 -6.14 7.59 -26.06
C GLN A 154 -5.10 6.87 -26.94
N GLU A 155 -3.92 7.47 -27.11
CA GLU A 155 -2.87 6.95 -28.01
C GLU A 155 -2.02 5.83 -27.39
N ALA A 156 -2.22 5.56 -26.11
CA ALA A 156 -1.40 4.57 -25.40
C ALA A 156 -1.52 3.18 -26.02
N PRO A 157 -0.46 2.36 -25.87
CA PRO A 157 -0.62 0.95 -26.25
C PRO A 157 -1.70 0.27 -25.41
N PRO A 158 -2.35 -0.78 -25.95
CA PRO A 158 -3.20 -1.60 -25.10
C PRO A 158 -2.41 -2.06 -23.88
N LEU A 159 -3.08 -2.20 -22.74
CA LEU A 159 -2.43 -2.57 -21.48
C LEU A 159 -1.56 -3.83 -21.64
N MET A 160 -2.07 -4.85 -22.31
CA MET A 160 -1.29 -6.08 -22.51
C MET A 160 0.07 -5.83 -23.20
N ASP A 161 0.06 -5.05 -24.28
CA ASP A 161 1.30 -4.69 -24.97
C ASP A 161 2.20 -3.84 -24.11
N TYR A 162 1.58 -2.93 -23.36
CA TYR A 162 2.28 -2.07 -22.42
C TYR A 162 3.03 -2.85 -21.35
N LEU A 163 2.49 -3.98 -20.91
CA LEU A 163 3.19 -4.81 -19.93
C LEU A 163 4.40 -5.49 -20.56
N GLY A 164 4.38 -5.64 -21.88
CA GLY A 164 5.52 -6.19 -22.61
C GLY A 164 5.95 -7.54 -22.07
N ASP A 165 7.25 -7.72 -21.95
CA ASP A 165 7.83 -8.98 -21.52
C ASP A 165 7.54 -9.30 -20.05
N ALA A 166 7.11 -8.30 -19.27
CA ALA A 166 6.72 -8.53 -17.88
C ALA A 166 5.48 -9.43 -17.76
N ALA A 167 4.56 -9.33 -18.74
CA ALA A 167 3.32 -10.09 -18.71
C ALA A 167 3.55 -11.60 -18.55
N TRP A 168 4.55 -12.14 -19.26
CA TRP A 168 4.88 -13.58 -19.22
C TRP A 168 5.17 -14.08 -17.79
N TYR A 169 5.80 -13.22 -17.00
CA TYR A 169 6.19 -13.53 -15.62
C TYR A 169 5.01 -13.46 -14.66
N LEU A 170 4.10 -12.51 -14.89
CA LEU A 170 2.93 -12.34 -14.01
C LEU A 170 1.83 -13.39 -14.27
N GLU A 171 1.79 -13.96 -15.47
CA GLU A 171 0.64 -14.78 -15.87
C GLU A 171 0.44 -16.03 -15.02
N PRO A 172 1.53 -16.72 -14.67
CA PRO A 172 1.29 -17.91 -13.82
C PRO A 172 0.47 -17.60 -12.55
N MET A 173 0.84 -16.54 -11.85
CA MET A 173 0.11 -16.10 -10.67
C MET A 173 -1.18 -15.39 -10.99
N PHE A 174 -1.18 -14.50 -11.99
CA PHE A 174 -2.36 -13.68 -12.26
C PHE A 174 -3.45 -14.41 -13.03
N LYS A 175 -3.06 -15.41 -13.82
CA LYS A 175 -3.98 -16.12 -14.70
C LYS A 175 -4.06 -17.60 -14.36
N HIS A 176 -2.92 -18.29 -14.40
CA HIS A 176 -2.97 -19.76 -14.30
C HIS A 176 -3.28 -20.31 -12.91
N SER A 177 -3.09 -19.48 -11.89
CA SER A 177 -3.47 -19.81 -10.53
C SER A 177 -4.97 -19.98 -10.33
N GLY A 178 -5.78 -19.54 -11.30
CA GLY A 178 -7.22 -19.50 -11.12
C GLY A 178 -7.74 -18.10 -10.86
N GLY A 179 -6.84 -17.14 -10.69
CA GLY A 179 -7.21 -15.75 -10.45
C GLY A 179 -6.88 -15.26 -9.05
N LEU A 180 -6.60 -13.96 -8.97
CA LEU A 180 -6.33 -13.27 -7.71
C LEU A 180 -7.50 -12.34 -7.39
N GLU A 181 -7.65 -12.06 -6.10
CA GLU A 181 -8.56 -11.05 -5.59
C GLU A 181 -7.74 -10.02 -4.84
N LEU A 182 -8.18 -8.77 -4.91
CA LEU A 182 -7.59 -7.69 -4.11
C LEU A 182 -8.45 -7.54 -2.87
N VAL A 183 -7.81 -7.63 -1.72
CA VAL A 183 -8.47 -7.43 -0.48
C VAL A 183 -8.33 -5.98 -0.01
N GLY A 184 -9.46 -5.32 0.09
CA GLY A 184 -9.52 -3.99 0.61
C GLY A 184 -10.08 -3.91 2.01
N PRO A 185 -10.14 -2.70 2.53
CA PRO A 185 -9.67 -1.50 1.85
C PRO A 185 -8.20 -1.36 2.06
N PRO A 186 -7.53 -0.47 1.36
CA PRO A 186 -6.09 -0.36 1.48
C PRO A 186 -5.72 0.41 2.73
N GLY A 187 -4.53 0.15 3.24
CA GLY A 187 -3.91 1.13 4.13
C GLY A 187 -3.52 2.36 3.32
N LYS A 188 -3.51 3.54 3.96
CA LYS A 188 -3.11 4.78 3.29
C LYS A 188 -2.24 5.64 4.21
N VAL A 189 -1.02 5.90 3.79
CA VAL A 189 -0.06 6.65 4.59
C VAL A 189 0.74 7.57 3.68
N VAL A 190 1.00 8.79 4.15
CA VAL A 190 1.84 9.74 3.43
C VAL A 190 3.30 9.59 3.89
N ILE A 191 4.21 9.47 2.92
CA ILE A 191 5.63 9.48 3.23
C ILE A 191 6.29 10.68 2.53
N LYS A 192 7.41 11.13 3.10
CA LYS A 192 8.13 12.28 2.55
C LYS A 192 9.22 11.85 1.58
N ALA A 193 8.77 11.15 0.53
CA ALA A 193 9.65 10.59 -0.47
C ALA A 193 9.03 10.84 -1.84
N ASN A 194 9.87 10.89 -2.85
CA ASN A 194 9.43 10.95 -4.22
C ASN A 194 8.85 9.59 -4.60
N TRP A 195 7.84 9.59 -5.43
CA TRP A 195 7.22 8.33 -5.86
C TRP A 195 8.19 7.36 -6.52
N LYS A 196 9.26 7.86 -7.13
CA LYS A 196 10.25 6.98 -7.81
C LYS A 196 11.11 6.17 -6.86
N ALA A 197 11.28 6.64 -5.61
CA ALA A 197 12.13 5.92 -4.67
C ALA A 197 11.52 4.54 -4.33
N PRO A 198 10.27 4.50 -3.86
CA PRO A 198 9.69 3.17 -3.66
C PRO A 198 9.47 2.38 -4.96
N ALA A 199 9.13 3.06 -6.06
CA ALA A 199 8.95 2.39 -7.37
C ALA A 199 10.22 1.67 -7.82
N GLU A 200 11.38 2.30 -7.65
CA GLU A 200 12.64 1.70 -8.10
C GLU A 200 13.05 0.58 -7.15
N ASN A 201 12.72 0.75 -5.88
CA ASN A 201 13.07 -0.21 -4.85
C ASN A 201 12.33 -1.52 -5.12
N PHE A 202 11.01 -1.44 -5.38
CA PHE A 202 10.22 -2.64 -5.73
C PHE A 202 10.56 -3.24 -7.11
N VAL A 203 10.91 -2.41 -8.07
CA VAL A 203 11.17 -2.94 -9.41
C VAL A 203 12.40 -3.80 -9.48
N GLY A 204 13.42 -3.51 -8.68
CA GLY A 204 14.75 -4.02 -8.95
C GLY A 204 15.69 -4.24 -7.78
N ASP A 205 15.23 -3.98 -6.56
CA ASP A 205 16.16 -3.84 -5.46
C ASP A 205 16.12 -5.04 -4.51
N ALA A 206 16.77 -6.12 -4.91
CA ALA A 206 16.99 -7.24 -3.97
C ALA A 206 18.25 -7.01 -3.14
N TYR A 207 19.14 -6.16 -3.62
CA TYR A 207 20.42 -5.88 -2.95
C TYR A 207 20.20 -5.37 -1.55
N HIS A 208 19.16 -4.55 -1.34
CA HIS A 208 18.97 -3.89 -0.04
C HIS A 208 18.42 -4.81 1.05
N VAL A 209 17.81 -5.92 0.64
CA VAL A 209 16.94 -6.67 1.55
C VAL A 209 17.69 -7.14 2.79
N GLY A 210 18.85 -7.77 2.59
CA GLY A 210 19.64 -8.26 3.74
C GLY A 210 20.06 -7.21 4.77
N TRP A 211 20.44 -6.04 4.28
CA TRP A 211 20.95 -4.99 5.15
C TRP A 211 19.83 -4.09 5.69
N THR A 212 19.00 -3.56 4.80
CA THR A 212 17.89 -2.69 5.21
C THR A 212 16.94 -3.39 6.16
N HIS A 213 16.57 -4.62 5.83
CA HIS A 213 15.61 -5.39 6.60
C HIS A 213 16.21 -6.40 7.56
N ALA A 214 17.48 -6.24 7.89
CA ALA A 214 18.18 -7.13 8.85
C ALA A 214 17.32 -7.43 10.07
N SER A 215 16.81 -6.36 10.70
CA SER A 215 16.02 -6.53 11.91
C SER A 215 14.70 -7.27 11.69
N SER A 216 14.02 -6.98 10.57
CA SER A 216 12.76 -7.64 10.24
C SER A 216 12.95 -9.11 9.83
N LEU A 217 14.02 -9.37 9.08
CA LEU A 217 14.42 -10.73 8.72
C LEU A 217 14.64 -11.60 9.97
N ARG A 218 15.47 -11.11 10.88
CA ARG A 218 15.81 -11.81 12.11
C ARG A 218 14.62 -11.98 13.06
N SER A 219 13.78 -10.95 13.16
CA SER A 219 12.66 -10.98 14.10
C SER A 219 11.48 -11.84 13.65
N GLY A 220 11.16 -11.79 12.36
CA GLY A 220 9.99 -12.47 11.81
C GLY A 220 10.20 -13.92 11.41
N GLU A 221 11.44 -14.35 11.24
CA GLU A 221 11.72 -15.76 10.87
C GLU A 221 11.17 -16.19 9.49
N SER A 222 11.04 -15.23 8.57
CA SER A 222 10.52 -15.52 7.23
C SER A 222 11.47 -16.38 6.37
N ILE A 223 11.03 -16.82 5.19
CA ILE A 223 11.89 -17.69 4.35
C ILE A 223 13.18 -17.05 3.86
N PHE A 224 13.21 -15.73 3.68
CA PHE A 224 14.45 -15.05 3.30
C PHE A 224 15.34 -14.70 4.52
N SER A 225 15.03 -15.27 5.68
CA SER A 225 15.64 -14.88 6.96
C SER A 225 17.16 -15.06 7.07
N SER A 226 17.72 -15.96 6.25
CA SER A 226 19.17 -16.19 6.24
C SER A 226 19.96 -15.00 5.69
N LEU A 227 19.28 -14.07 5.01
CA LEU A 227 19.93 -12.88 4.48
C LEU A 227 20.27 -11.84 5.56
N ALA A 228 19.63 -11.94 6.74
CA ALA A 228 19.70 -10.88 7.76
C ALA A 228 21.11 -10.35 8.00
N GLY A 229 21.27 -9.04 7.84
CA GLY A 229 22.56 -8.38 8.09
C GLY A 229 23.68 -8.77 7.14
N ASN A 230 23.33 -9.19 5.92
CA ASN A 230 24.29 -9.68 4.94
C ASN A 230 25.14 -10.82 5.49
N ALA A 231 24.50 -11.69 6.26
CA ALA A 231 25.12 -12.90 6.80
C ALA A 231 25.34 -13.91 5.69
N ALA A 232 24.49 -13.84 4.66
CA ALA A 232 24.54 -14.74 3.53
C ALA A 232 24.03 -14.04 2.28
N LEU A 233 24.63 -14.39 1.14
CA LEU A 233 24.17 -14.00 -0.19
C LEU A 233 23.39 -15.17 -0.74
N PRO A 234 22.31 -14.91 -1.49
CA PRO A 234 21.61 -16.03 -2.13
C PRO A 234 22.55 -16.96 -2.90
N PRO A 235 22.17 -18.25 -3.01
CA PRO A 235 22.96 -19.20 -3.76
C PRO A 235 23.20 -18.77 -5.22
N GLU A 236 24.06 -19.52 -5.90
CA GLU A 236 24.13 -19.48 -7.36
C GLU A 236 22.73 -19.76 -7.91
N GLY A 237 22.32 -18.97 -8.91
CA GLY A 237 21.06 -19.18 -9.61
C GLY A 237 19.84 -19.13 -8.73
N ALA A 238 19.88 -18.32 -7.67
CA ALA A 238 18.76 -18.18 -6.74
C ALA A 238 17.62 -17.35 -7.36
N GLY A 239 17.92 -16.62 -8.43
CA GLY A 239 16.90 -15.89 -9.16
C GLY A 239 17.39 -15.11 -10.36
N LEU A 240 16.56 -14.21 -10.81
CA LEU A 240 16.85 -13.39 -11.95
C LEU A 240 16.19 -12.01 -11.88
N GLN A 241 16.52 -11.17 -12.86
CA GLN A 241 15.96 -9.84 -12.97
C GLN A 241 15.51 -9.66 -14.39
N MET A 242 14.45 -8.91 -14.59
CA MET A 242 14.05 -8.55 -15.95
C MET A 242 13.49 -7.15 -16.08
N THR A 243 13.47 -6.68 -17.31
CA THR A 243 12.88 -5.40 -17.60
C THR A 243 12.35 -5.42 -19.04
N SER A 244 11.64 -4.36 -19.38
CA SER A 244 10.81 -4.36 -20.58
C SER A 244 10.77 -3.00 -21.26
N LYS A 245 10.25 -2.99 -22.48
CA LYS A 245 10.27 -1.79 -23.32
C LYS A 245 9.59 -0.58 -22.65
N TYR A 246 8.44 -0.79 -22.02
CA TYR A 246 7.64 0.31 -21.50
C TYR A 246 7.91 0.56 -20.00
N GLY A 247 8.99 -0.04 -19.48
CA GLY A 247 9.52 0.32 -18.17
C GLY A 247 9.23 -0.61 -17.02
N SER A 248 8.21 -1.46 -17.16
CA SER A 248 7.85 -2.40 -16.11
C SER A 248 8.98 -3.41 -15.99
N GLY A 249 9.20 -3.91 -14.79
CA GLY A 249 10.22 -4.93 -14.56
C GLY A 249 10.05 -5.58 -13.20
N MET A 250 10.85 -6.61 -12.93
CA MET A 250 10.76 -7.35 -11.67
C MET A 250 11.98 -8.19 -11.39
N GLY A 251 12.13 -8.52 -10.12
CA GLY A 251 13.00 -9.57 -9.66
C GLY A 251 12.21 -10.85 -9.46
N VAL A 252 12.91 -11.97 -9.63
CA VAL A 252 12.39 -13.31 -9.41
C VAL A 252 13.31 -13.99 -8.41
N LEU A 253 12.79 -14.40 -7.27
CA LEU A 253 13.54 -15.18 -6.29
C LEU A 253 12.90 -16.56 -6.28
N TRP A 254 13.60 -17.54 -6.85
CA TRP A 254 13.04 -18.86 -7.05
C TRP A 254 12.48 -19.45 -5.75
N ASP A 255 11.25 -19.96 -5.83
CA ASP A 255 10.61 -20.78 -4.79
C ASP A 255 10.13 -20.02 -3.54
N GLY A 256 10.35 -18.71 -3.44
CA GLY A 256 10.04 -17.98 -2.20
C GLY A 256 8.57 -17.69 -1.98
N TYR A 257 7.73 -18.72 -2.00
CA TYR A 257 6.28 -18.55 -1.99
C TYR A 257 5.71 -17.96 -0.70
N SER A 258 6.39 -18.15 0.43
CA SER A 258 5.90 -17.54 1.67
C SER A 258 6.40 -16.10 1.85
N GLY A 259 7.39 -15.69 1.04
CA GLY A 259 7.80 -14.28 0.96
C GLY A 259 8.16 -13.69 2.31
N VAL A 260 7.60 -12.51 2.60
CA VAL A 260 7.94 -11.75 3.81
C VAL A 260 7.25 -12.29 5.06
N HIS A 261 6.37 -13.29 4.89
CA HIS A 261 5.51 -13.72 5.97
C HIS A 261 6.27 -14.48 7.04
N SER A 262 5.93 -14.16 8.28
CA SER A 262 6.63 -14.67 9.42
C SER A 262 6.33 -16.13 9.52
N ALA A 263 7.13 -16.81 10.32
CA ALA A 263 7.10 -18.26 10.42
C ALA A 263 5.72 -18.84 10.70
N ASP A 264 4.82 -18.07 11.33
CA ASP A 264 3.44 -18.57 11.55
C ASP A 264 2.65 -18.92 10.28
N LEU A 265 3.05 -18.40 9.11
CA LEU A 265 2.37 -18.72 7.84
C LEU A 265 3.21 -19.57 6.86
N VAL A 266 4.49 -19.78 7.16
CA VAL A 266 5.41 -20.38 6.20
C VAL A 266 5.01 -21.81 5.80
N PRO A 267 4.80 -22.70 6.77
CA PRO A 267 4.43 -24.07 6.42
C PRO A 267 3.16 -24.22 5.57
N GLU A 268 2.09 -23.53 5.97
CA GLU A 268 0.83 -23.58 5.23
C GLU A 268 0.97 -23.01 3.82
N LEU A 269 1.69 -21.90 3.68
CA LEU A 269 1.90 -21.29 2.37
C LEU A 269 2.76 -22.18 1.50
N MET A 270 3.89 -22.66 2.03
CA MET A 270 4.76 -23.50 1.22
C MET A 270 4.06 -24.77 0.74
N ALA A 271 3.14 -25.31 1.54
CA ALA A 271 2.35 -26.46 1.14
C ALA A 271 1.38 -26.10 0.02
N PHE A 272 0.67 -24.99 0.19
CA PHE A 272 -0.38 -24.55 -0.75
C PHE A 272 0.20 -24.26 -2.12
N GLY A 273 1.26 -23.47 -2.14
CA GLY A 273 1.96 -23.14 -3.37
C GLY A 273 2.55 -24.36 -4.06
N GLY A 274 3.21 -25.22 -3.28
CA GLY A 274 3.76 -26.46 -3.86
C GLY A 274 2.71 -27.35 -4.47
N ALA A 275 1.55 -27.42 -3.83
CA ALA A 275 0.45 -28.25 -4.31
C ALA A 275 -0.08 -27.73 -5.66
N LYS A 276 -0.23 -26.41 -5.78
CA LYS A 276 -0.73 -25.82 -7.04
C LYS A 276 0.31 -25.93 -8.14
N GLN A 277 1.58 -25.72 -7.81
CA GLN A 277 2.69 -25.91 -8.73
C GLN A 277 2.65 -27.32 -9.37
N GLU A 278 2.37 -28.34 -8.56
CA GLU A 278 2.33 -29.73 -9.06
C GLU A 278 1.25 -29.89 -10.13
N ARG A 279 0.07 -29.34 -9.88
CA ARG A 279 -1.00 -29.32 -10.89
C ARG A 279 -0.61 -28.50 -12.13
N LEU A 280 -0.01 -27.34 -11.92
CA LEU A 280 0.37 -26.45 -13.04
C LEU A 280 1.45 -26.98 -13.97
N ASN A 281 2.34 -27.83 -13.44
CA ASN A 281 3.42 -28.41 -14.26
C ASN A 281 2.85 -28.97 -15.56
N LYS A 282 1.69 -29.62 -15.44
CA LYS A 282 1.05 -30.32 -16.54
C LYS A 282 0.43 -29.35 -17.54
N GLU A 283 0.05 -28.17 -17.05
CA GLU A 283 -0.72 -27.21 -17.83
C GLU A 283 0.15 -26.18 -18.51
N ILE A 284 1.11 -25.63 -17.79
CA ILE A 284 1.93 -24.54 -18.32
C ILE A 284 3.42 -24.84 -18.37
N GLY A 285 3.82 -26.02 -17.92
CA GLY A 285 5.21 -26.42 -17.95
C GLY A 285 5.91 -26.19 -16.63
N ASP A 286 7.01 -26.92 -16.41
CA ASP A 286 7.71 -26.84 -15.14
C ASP A 286 8.27 -25.44 -14.83
N VAL A 287 8.86 -24.78 -15.82
CA VAL A 287 9.49 -23.47 -15.54
C VAL A 287 8.41 -22.47 -15.11
N ARG A 288 7.32 -22.39 -15.86
CA ARG A 288 6.31 -21.39 -15.53
C ARG A 288 5.54 -21.74 -14.27
N ALA A 289 5.30 -23.04 -14.02
CA ALA A 289 4.71 -23.46 -12.74
C ALA A 289 5.60 -23.05 -11.57
N ARG A 290 6.90 -23.10 -11.74
CA ARG A 290 7.83 -22.68 -10.69
C ARG A 290 7.77 -21.18 -10.50
N ILE A 291 7.70 -20.44 -11.62
CA ILE A 291 7.55 -18.98 -11.54
C ILE A 291 6.30 -18.61 -10.73
N TYR A 292 5.20 -19.32 -10.95
CA TYR A 292 3.97 -19.11 -10.17
C TYR A 292 4.28 -19.01 -8.67
N ARG A 293 5.10 -19.91 -8.15
CA ARG A 293 5.39 -19.97 -6.70
C ARG A 293 6.77 -19.41 -6.37
N SER A 294 7.23 -18.48 -7.19
CA SER A 294 8.45 -17.75 -6.91
C SER A 294 8.09 -16.28 -6.64
N HIS A 295 8.86 -15.67 -5.75
CA HIS A 295 8.59 -14.32 -5.29
C HIS A 295 8.99 -13.33 -6.37
N LEU A 296 8.01 -12.56 -6.87
CA LEU A 296 8.26 -11.53 -7.85
C LEU A 296 8.11 -10.16 -7.20
N ASN A 297 9.19 -9.39 -7.23
CA ASN A 297 9.14 -7.96 -6.82
C ASN A 297 9.09 -7.15 -8.10
N CYS A 298 7.96 -6.51 -8.35
CA CYS A 298 7.64 -5.93 -9.65
C CYS A 298 7.10 -4.51 -9.54
N THR A 299 7.49 -3.63 -10.47
CA THR A 299 6.79 -2.37 -10.67
C THR A 299 6.20 -2.37 -12.06
N VAL A 300 4.88 -2.18 -12.11
CA VAL A 300 4.20 -1.87 -13.36
C VAL A 300 4.35 -0.37 -13.53
N PHE A 301 5.17 0.04 -14.49
CA PHE A 301 5.47 1.44 -14.74
C PHE A 301 4.17 2.24 -14.86
N PRO A 302 4.08 3.40 -14.20
CA PRO A 302 5.17 3.99 -13.43
C PRO A 302 5.14 3.70 -11.94
N ASN A 303 3.95 3.66 -11.32
CA ASN A 303 3.87 3.83 -9.90
C ASN A 303 2.99 2.78 -9.20
N ASN A 304 2.89 1.61 -9.82
CA ASN A 304 2.19 0.47 -9.20
C ASN A 304 3.20 -0.64 -8.93
N SER A 305 3.29 -1.11 -7.69
CA SER A 305 4.24 -2.17 -7.35
C SER A 305 3.55 -3.32 -6.63
N MET A 306 4.24 -4.45 -6.57
CA MET A 306 3.70 -5.62 -5.92
C MET A 306 4.81 -6.59 -5.54
N LEU A 307 4.52 -7.43 -4.55
CA LEU A 307 5.33 -8.62 -4.25
C LEU A 307 4.40 -9.79 -4.39
N THR A 308 4.53 -10.60 -5.43
CA THR A 308 3.64 -11.77 -5.55
C THR A 308 4.07 -12.75 -4.47
N CYS A 309 3.17 -13.65 -4.09
CA CYS A 309 3.43 -14.66 -3.06
C CYS A 309 3.38 -14.03 -1.65
N SER A 310 4.18 -12.99 -1.40
CA SER A 310 3.92 -12.14 -0.22
C SER A 310 2.51 -11.55 -0.27
N GLY A 311 2.01 -11.28 -1.47
CA GLY A 311 0.66 -10.78 -1.62
C GLY A 311 0.54 -9.27 -1.38
N VAL A 312 1.62 -8.54 -1.61
CA VAL A 312 1.66 -7.08 -1.40
C VAL A 312 1.30 -6.37 -2.71
N PHE A 313 0.41 -5.38 -2.64
CA PHE A 313 0.04 -4.59 -3.82
C PHE A 313 0.03 -3.11 -3.41
N LYS A 314 0.86 -2.32 -4.09
CA LYS A 314 1.13 -0.93 -3.73
C LYS A 314 0.82 0.07 -4.84
N VAL A 315 0.23 1.21 -4.47
CA VAL A 315 0.22 2.38 -5.35
C VAL A 315 1.00 3.51 -4.66
N TRP A 316 1.97 4.07 -5.39
CA TRP A 316 2.76 5.20 -4.91
C TRP A 316 2.18 6.47 -5.52
N ASN A 317 1.17 7.04 -4.86
CA ASN A 317 0.45 8.16 -5.42
C ASN A 317 1.20 9.49 -5.24
N PRO A 318 1.49 10.17 -6.36
CA PRO A 318 2.33 11.37 -6.27
C PRO A 318 1.56 12.57 -5.75
N ILE A 319 2.20 13.32 -4.87
CA ILE A 319 1.63 14.56 -4.32
C ILE A 319 2.49 15.77 -4.71
N ASP A 320 3.77 15.69 -4.42
CA ASP A 320 4.77 16.60 -4.94
C ASP A 320 6.11 15.84 -4.95
N ALA A 321 7.20 16.51 -5.28
CA ALA A 321 8.49 15.82 -5.44
C ALA A 321 9.02 15.12 -4.19
N ASN A 322 8.61 15.56 -3.00
CA ASN A 322 9.03 14.89 -1.79
C ASN A 322 7.84 14.47 -0.94
N THR A 323 6.70 14.19 -1.56
CA THR A 323 5.54 13.67 -0.85
C THR A 323 4.82 12.66 -1.72
N THR A 324 4.53 11.49 -1.14
CA THR A 324 3.81 10.38 -1.80
C THR A 324 2.77 9.76 -0.86
N GLU A 325 1.60 9.47 -1.39
CA GLU A 325 0.54 8.83 -0.63
C GLU A 325 0.54 7.33 -1.02
N VAL A 326 0.94 6.51 -0.06
CA VAL A 326 1.13 5.07 -0.25
C VAL A 326 -0.16 4.32 0.05
N TRP A 327 -0.68 3.62 -0.96
CA TRP A 327 -1.84 2.75 -0.78
C TRP A 327 -1.37 1.31 -0.76
N THR A 328 -1.82 0.56 0.24
CA THR A 328 -1.37 -0.82 0.42
C THR A 328 -2.56 -1.77 0.49
N TYR A 329 -2.66 -2.65 -0.51
CA TYR A 329 -3.66 -3.72 -0.53
C TYR A 329 -2.96 -5.06 -0.36
N ALA A 330 -3.77 -6.08 -0.06
CA ALA A 330 -3.33 -7.46 -0.14
C ALA A 330 -3.92 -8.12 -1.37
N ILE A 331 -3.14 -8.98 -2.00
CA ILE A 331 -3.65 -9.84 -3.08
C ILE A 331 -3.63 -11.30 -2.57
N VAL A 332 -4.71 -12.02 -2.86
CA VAL A 332 -4.82 -13.44 -2.48
C VAL A 332 -5.31 -14.25 -3.67
N GLU A 333 -4.95 -15.53 -3.70
CA GLU A 333 -5.46 -16.44 -4.71
C GLU A 333 -6.90 -16.82 -4.39
N LYS A 334 -7.78 -16.69 -5.38
CA LYS A 334 -9.21 -16.91 -5.21
C LYS A 334 -9.52 -18.26 -4.57
N ASP A 335 -8.78 -19.31 -4.95
CA ASP A 335 -9.09 -20.64 -4.45
C ASP A 335 -8.40 -21.01 -3.13
N MET A 336 -7.78 -20.04 -2.46
CA MET A 336 -7.29 -20.27 -1.10
C MET A 336 -8.47 -20.38 -0.17
N PRO A 337 -8.34 -21.18 0.91
CA PRO A 337 -9.39 -21.20 1.90
C PRO A 337 -9.58 -19.79 2.48
N GLU A 338 -10.83 -19.46 2.81
CA GLU A 338 -11.15 -18.12 3.29
C GLU A 338 -10.35 -17.74 4.53
N ASP A 339 -10.10 -18.68 5.44
CA ASP A 339 -9.36 -18.36 6.67
C ASP A 339 -7.91 -18.01 6.38
N LEU A 340 -7.30 -18.72 5.45
CA LEU A 340 -5.97 -18.40 4.97
C LEU A 340 -5.94 -17.02 4.32
N LYS A 341 -6.92 -16.72 3.47
CA LYS A 341 -7.01 -15.41 2.83
C LYS A 341 -7.02 -14.28 3.88
N ARG A 342 -7.81 -14.47 4.92
CA ARG A 342 -7.90 -13.48 6.00
C ARG A 342 -6.56 -13.29 6.73
N ARG A 343 -5.88 -14.39 7.08
CA ARG A 343 -4.59 -14.32 7.77
C ARG A 343 -3.50 -13.76 6.86
N LEU A 344 -3.57 -14.11 5.58
CA LEU A 344 -2.63 -13.56 4.61
C LEU A 344 -2.78 -12.05 4.48
N ALA A 345 -4.02 -11.57 4.36
CA ALA A 345 -4.29 -10.13 4.29
C ALA A 345 -3.75 -9.40 5.52
N ASP A 346 -4.05 -9.93 6.71
CA ASP A 346 -3.52 -9.34 7.95
C ASP A 346 -2.00 -9.34 7.94
N SER A 347 -1.40 -10.39 7.41
CA SER A 347 0.06 -10.50 7.42
C SER A 347 0.71 -9.50 6.45
N VAL A 348 0.07 -9.25 5.32
CA VAL A 348 0.53 -8.21 4.39
C VAL A 348 0.60 -6.87 5.12
N GLN A 349 -0.48 -6.50 5.81
CA GLN A 349 -0.51 -5.20 6.51
C GLN A 349 0.49 -5.17 7.67
N ARG A 350 0.59 -6.30 8.35
CA ARG A 350 1.52 -6.48 9.47
C ARG A 350 2.96 -6.19 9.09
N THR A 351 3.34 -6.63 7.89
CA THR A 351 4.70 -6.52 7.40
C THR A 351 4.96 -5.24 6.61
N VAL A 352 4.05 -4.87 5.71
CA VAL A 352 4.31 -3.74 4.82
C VAL A 352 3.20 -2.68 4.79
N GLY A 353 2.21 -2.79 5.67
CA GLY A 353 1.14 -1.82 5.76
C GLY A 353 1.49 -0.59 6.58
N PRO A 354 0.47 0.20 6.99
CA PRO A 354 0.73 1.44 7.72
C PRO A 354 1.62 1.26 8.96
N ALA A 355 1.47 0.14 9.67
CA ALA A 355 2.37 -0.21 10.76
C ALA A 355 3.21 -1.42 10.36
N GLY A 356 3.55 -1.53 9.07
CA GLY A 356 4.35 -2.67 8.59
C GLY A 356 5.78 -2.60 9.10
N PHE A 357 6.21 -3.57 9.89
CA PHE A 357 7.56 -3.46 10.45
C PHE A 357 8.64 -3.55 9.37
N TRP A 358 8.40 -4.29 8.29
CA TRP A 358 9.35 -4.27 7.16
C TRP A 358 9.43 -2.90 6.49
N GLU A 359 8.27 -2.36 6.13
CA GLU A 359 8.17 -1.09 5.42
C GLU A 359 8.85 0.02 6.24
N SER A 360 8.73 -0.04 7.56
CA SER A 360 9.41 0.92 8.43
C SER A 360 10.92 0.95 8.23
N ASP A 361 11.51 -0.21 7.93
CA ASP A 361 12.95 -0.30 7.64
C ASP A 361 13.35 0.56 6.44
N ASP A 362 12.42 0.71 5.48
CA ASP A 362 12.68 1.42 4.23
C ASP A 362 12.53 2.93 4.33
N ASN A 363 11.81 3.43 5.34
CA ASN A 363 11.33 4.83 5.35
C ASN A 363 12.45 5.84 5.21
N ASP A 364 13.46 5.74 6.06
CA ASP A 364 14.54 6.74 6.04
C ASP A 364 15.32 6.67 4.76
N ASN A 365 15.51 5.47 4.24
CA ASN A 365 16.20 5.31 2.96
C ASN A 365 15.45 6.08 1.86
N MET A 366 14.15 5.86 1.75
CA MET A 366 13.35 6.50 0.72
C MET A 366 13.26 8.00 0.92
N GLU A 367 13.00 8.40 2.16
CA GLU A 367 12.78 9.82 2.45
C GLU A 367 14.04 10.65 2.29
N THR A 368 15.17 10.18 2.82
CA THR A 368 16.41 10.97 2.72
C THR A 368 16.99 10.96 1.30
N ALA A 369 16.95 9.83 0.60
CA ALA A 369 17.40 9.80 -0.80
C ALA A 369 16.59 10.80 -1.66
N SER A 370 15.31 10.94 -1.34
CA SER A 370 14.43 11.86 -2.10
C SER A 370 14.73 13.29 -1.73
N GLN A 371 14.83 13.56 -0.43
CA GLN A 371 15.06 14.92 0.02
C GLN A 371 16.46 15.46 -0.34
N ASN A 372 17.46 14.58 -0.36
CA ASN A 372 18.81 14.96 -0.78
C ASN A 372 18.83 15.47 -2.22
N GLY A 373 17.85 15.04 -3.02
CA GLY A 373 17.69 15.50 -4.40
C GLY A 373 17.43 17.00 -4.53
N LYS A 374 17.00 17.63 -3.43
CA LYS A 374 16.78 19.07 -3.38
C LYS A 374 18.03 19.85 -2.97
N LYS A 375 18.99 19.16 -2.34
CA LYS A 375 20.13 19.86 -1.76
C LYS A 375 21.10 20.28 -2.84
N TYR A 376 21.64 21.48 -2.69
CA TYR A 376 22.34 22.14 -3.78
C TYR A 376 23.49 21.34 -4.35
N GLN A 377 24.32 20.77 -3.48
CA GLN A 377 25.51 20.04 -3.94
C GLN A 377 25.22 18.64 -4.46
N SER A 378 23.97 18.17 -4.33
CA SER A 378 23.56 16.85 -4.80
C SER A 378 22.71 16.86 -6.07
N ARG A 379 22.08 17.99 -6.40
CA ARG A 379 21.18 18.06 -7.56
C ARG A 379 21.81 17.49 -8.83
N ASP A 380 23.06 17.88 -9.11
CA ASP A 380 23.75 17.48 -10.36
C ASP A 380 24.61 16.22 -10.15
N SER A 381 24.47 15.56 -9.01
CA SER A 381 25.20 14.32 -8.76
C SER A 381 24.48 13.13 -9.38
N ASP A 382 25.20 12.02 -9.52
CA ASP A 382 24.71 10.86 -10.23
C ASP A 382 24.38 9.68 -9.30
N LEU A 383 23.11 9.28 -9.32
CA LEU A 383 22.66 8.06 -8.69
C LEU A 383 23.11 6.90 -9.58
N LEU A 384 23.76 5.91 -8.98
CA LEU A 384 24.35 4.81 -9.74
C LEU A 384 23.41 3.62 -9.84
N SER A 385 23.27 3.06 -11.04
CA SER A 385 22.52 1.82 -11.24
C SER A 385 23.24 0.93 -12.28
N ASN A 386 24.51 0.67 -12.03
CA ASN A 386 25.38 -0.07 -12.96
C ASN A 386 25.65 -1.52 -12.60
N LEU A 387 25.08 -2.00 -11.49
CA LEU A 387 25.35 -3.38 -11.06
C LEU A 387 24.81 -4.39 -12.08
N GLY A 388 25.71 -5.22 -12.62
CA GLY A 388 25.32 -6.24 -13.59
C GLY A 388 25.31 -5.76 -15.03
N PHE A 389 25.69 -4.51 -15.24
CA PHE A 389 25.72 -3.99 -16.60
C PHE A 389 26.77 -4.70 -17.43
N GLY A 390 26.40 -5.05 -18.65
CA GLY A 390 27.26 -5.85 -19.55
C GLY A 390 27.10 -7.35 -19.37
N GLU A 391 26.20 -7.79 -18.50
CA GLU A 391 25.85 -9.21 -18.39
C GLU A 391 24.37 -9.49 -18.67
N ASP A 392 23.60 -8.48 -19.06
CA ASP A 392 22.19 -8.69 -19.39
C ASP A 392 22.06 -9.25 -20.80
N VAL A 393 21.01 -10.04 -21.00
CA VAL A 393 20.71 -10.57 -22.33
C VAL A 393 19.31 -10.15 -22.75
N TYR A 394 19.05 -10.30 -24.06
CA TYR A 394 17.70 -10.18 -24.59
C TYR A 394 17.40 -11.36 -25.50
N GLY A 395 16.15 -11.78 -25.54
CA GLY A 395 15.68 -12.83 -26.47
C GLY A 395 16.08 -14.23 -26.04
N ASP A 396 16.26 -14.43 -24.74
CA ASP A 396 16.63 -15.74 -24.21
C ASP A 396 15.55 -16.77 -24.57
N ALA A 397 15.97 -18.02 -24.76
CA ALA A 397 15.05 -19.08 -25.17
C ALA A 397 13.99 -19.42 -24.11
N VAL A 398 14.25 -19.10 -22.84
CA VAL A 398 13.30 -19.45 -21.78
C VAL A 398 12.69 -18.20 -21.12
N TYR A 399 13.51 -17.20 -20.83
CA TYR A 399 13.07 -16.04 -20.02
C TYR A 399 13.11 -14.78 -20.85
N PRO A 400 11.94 -14.22 -21.17
CA PRO A 400 11.87 -13.08 -22.07
C PRO A 400 12.14 -11.72 -21.43
N GLY A 401 12.49 -10.76 -22.28
CA GLY A 401 12.80 -9.39 -21.84
C GLY A 401 14.29 -9.18 -21.83
N VAL A 402 14.72 -8.04 -21.30
CA VAL A 402 16.12 -7.85 -21.00
C VAL A 402 16.30 -8.46 -19.63
N VAL A 403 17.19 -9.45 -19.52
CA VAL A 403 17.25 -10.31 -18.36
C VAL A 403 18.66 -10.40 -17.79
N GLY A 404 18.78 -10.25 -16.47
CA GLY A 404 20.00 -10.55 -15.76
C GLY A 404 19.77 -11.86 -15.04
N LYS A 405 20.55 -12.87 -15.41
CA LYS A 405 20.43 -14.20 -14.82
C LYS A 405 21.22 -14.24 -13.53
N SER A 406 20.83 -13.37 -12.61
CA SER A 406 21.36 -13.34 -11.27
C SER A 406 20.28 -12.76 -10.39
N ALA A 407 20.25 -13.20 -9.14
CA ALA A 407 19.20 -12.78 -8.21
C ALA A 407 19.29 -11.30 -7.85
N ILE A 408 20.52 -10.78 -7.72
CA ILE A 408 20.74 -9.41 -7.24
C ILE A 408 21.47 -8.57 -8.28
N GLY A 409 20.83 -7.50 -8.74
CA GLY A 409 21.50 -6.58 -9.64
C GLY A 409 20.63 -5.36 -9.88
N GLU A 410 20.97 -4.58 -10.90
CA GLU A 410 20.24 -3.33 -11.17
C GLU A 410 19.68 -3.24 -12.60
N THR A 411 19.57 -4.41 -13.24
CA THR A 411 18.91 -4.54 -14.54
C THR A 411 17.58 -3.79 -14.62
N SER A 412 16.73 -4.02 -13.63
CA SER A 412 15.39 -3.46 -13.68
C SER A 412 15.36 -1.94 -13.42
N TYR A 413 16.31 -1.42 -12.66
CA TYR A 413 16.50 0.03 -12.57
C TYR A 413 16.78 0.63 -13.96
N ARG A 414 17.72 0.02 -14.67
CA ARG A 414 18.13 0.51 -15.99
C ARG A 414 16.96 0.58 -16.98
N GLY A 415 16.12 -0.44 -17.02
CA GLY A 415 14.98 -0.43 -17.92
C GLY A 415 13.90 0.55 -17.48
N PHE A 416 13.70 0.65 -16.17
CA PHE A 416 12.76 1.61 -15.61
C PHE A 416 13.15 3.03 -16.03
N TYR A 417 14.39 3.39 -15.77
CA TYR A 417 14.86 4.74 -16.04
C TYR A 417 15.10 5.04 -17.53
N ARG A 418 15.46 4.03 -18.33
CA ARG A 418 15.43 4.21 -19.80
C ARG A 418 14.03 4.64 -20.29
N ALA A 419 12.99 3.97 -19.81
CA ALA A 419 11.61 4.32 -20.18
C ALA A 419 11.24 5.69 -19.66
N TYR A 420 11.59 5.96 -18.41
CA TYR A 420 11.32 7.28 -17.81
C TYR A 420 11.92 8.41 -18.64
N GLN A 421 13.20 8.32 -18.95
CA GLN A 421 13.86 9.35 -19.76
C GLN A 421 13.22 9.48 -21.17
N ALA A 422 12.89 8.36 -21.80
CA ALA A 422 12.24 8.43 -23.12
C ALA A 422 10.90 9.18 -23.07
N HIS A 423 10.13 8.99 -21.99
CA HIS A 423 8.88 9.74 -21.82
C HIS A 423 9.13 11.22 -21.51
N VAL A 424 10.02 11.50 -20.58
CA VAL A 424 10.25 12.87 -20.13
C VAL A 424 10.68 13.76 -21.30
N SER A 425 11.43 13.20 -22.24
CA SER A 425 11.96 13.95 -23.37
C SER A 425 11.07 13.89 -24.62
N SER A 426 9.90 13.24 -24.52
CA SER A 426 8.96 13.08 -25.65
C SER A 426 7.63 13.79 -25.38
N SER A 427 7.00 14.26 -26.45
CA SER A 427 5.74 15.01 -26.37
C SER A 427 4.51 14.14 -26.51
N ASN A 428 4.69 12.91 -26.97
CA ASN A 428 3.58 11.99 -27.18
C ASN A 428 4.08 10.56 -27.33
N TRP A 429 3.16 9.61 -27.48
CA TRP A 429 3.54 8.19 -27.66
C TRP A 429 4.39 7.87 -28.90
N ALA A 430 4.12 8.56 -30.00
CA ALA A 430 4.90 8.35 -31.23
C ALA A 430 6.37 8.68 -31.00
N GLU A 431 6.62 9.79 -30.32
CA GLU A 431 7.99 10.20 -29.98
C GLU A 431 8.62 9.21 -28.99
N PHE A 432 7.86 8.72 -28.00
CA PHE A 432 8.40 7.66 -27.09
C PHE A 432 8.80 6.44 -27.91
N GLU A 433 7.96 6.04 -28.85
CA GLU A 433 8.25 4.86 -29.67
C GLU A 433 9.54 5.08 -30.47
N HIS A 434 9.67 6.25 -31.06
CA HIS A 434 10.87 6.56 -31.81
C HIS A 434 12.09 6.57 -30.92
N ALA A 435 11.93 7.05 -29.69
CA ALA A 435 13.03 7.09 -28.74
C ALA A 435 13.36 5.72 -28.15
N SER A 436 12.51 4.72 -28.42
CA SER A 436 12.66 3.41 -27.81
C SER A 436 12.87 2.27 -28.83
N SER A 437 13.18 2.63 -30.07
CA SER A 437 13.28 1.66 -31.16
C SER A 437 14.49 0.75 -31.03
N THR A 438 15.45 1.13 -30.20
CA THR A 438 16.59 0.27 -29.90
C THR A 438 16.74 0.03 -28.38
N TRP A 439 15.61 -0.04 -27.68
CA TRP A 439 15.60 -0.11 -26.21
C TRP A 439 16.45 -1.25 -25.65
N HIS A 440 16.32 -2.46 -26.23
CA HIS A 440 16.98 -3.61 -25.63
C HIS A 440 18.46 -3.63 -25.97
N THR A 441 18.81 -3.19 -27.18
CA THR A 441 20.19 -2.96 -27.55
C THR A 441 20.89 -1.97 -26.59
N GLU A 442 20.23 -0.87 -26.29
CA GLU A 442 20.80 0.09 -25.35
C GLU A 442 21.07 -0.54 -23.98
N LEU A 443 20.15 -1.37 -23.52
CA LEU A 443 20.28 -1.99 -22.21
C LEU A 443 21.32 -3.12 -22.11
N THR A 444 21.59 -3.80 -23.23
CA THR A 444 22.53 -4.95 -23.22
C THR A 444 23.98 -4.63 -23.68
N LYS A 445 24.26 -3.35 -23.95
CA LYS A 445 25.63 -2.90 -24.32
C LYS A 445 26.78 -3.42 -23.43
N THR A 446 27.99 -3.32 -23.98
CA THR A 446 29.23 -3.75 -23.31
C THR A 446 29.14 -5.18 -22.80
N ILE B 3 -29.19 5.86 25.28
CA ILE B 3 -29.13 6.30 23.85
C ILE B 3 -30.01 5.44 22.94
N ASN B 4 -30.93 6.09 22.25
CA ASN B 4 -31.71 5.49 21.18
C ASN B 4 -31.07 5.87 19.83
N ILE B 5 -30.45 4.91 19.15
CA ILE B 5 -29.73 5.21 17.89
C ILE B 5 -30.66 5.46 16.70
N GLN B 6 -31.95 5.21 16.87
CA GLN B 6 -32.92 5.60 15.86
C GLN B 6 -33.13 7.12 15.92
N GLU B 7 -33.06 7.68 17.12
CA GLU B 7 -33.19 9.13 17.30
C GLU B 7 -31.85 9.85 17.15
N ASP B 8 -30.81 9.34 17.81
CA ASP B 8 -29.46 9.91 17.69
C ASP B 8 -28.84 9.27 16.46
N LYS B 9 -29.12 9.88 15.32
CA LYS B 9 -28.92 9.27 14.03
C LYS B 9 -27.45 8.98 13.68
N LEU B 10 -26.54 9.67 14.34
CA LEU B 10 -25.12 9.61 14.01
C LEU B 10 -24.35 8.55 14.81
N VAL B 11 -25.03 7.94 15.78
CA VAL B 11 -24.40 7.03 16.74
C VAL B 11 -24.48 5.60 16.24
N SER B 12 -23.34 4.90 16.26
CA SER B 12 -23.28 3.51 15.85
C SER B 12 -23.78 2.60 16.98
N ALA B 13 -24.27 1.42 16.61
CA ALA B 13 -24.74 0.44 17.58
C ALA B 13 -23.63 0.07 18.56
N HIS B 14 -22.43 -0.13 18.02
CA HIS B 14 -21.29 -0.43 18.85
C HIS B 14 -21.01 0.65 19.89
N ASP B 15 -20.94 1.90 19.44
CA ASP B 15 -20.69 3.01 20.35
C ASP B 15 -21.77 3.14 21.42
N ALA B 16 -23.04 2.96 21.04
CA ALA B 16 -24.15 2.99 22.00
C ALA B 16 -24.01 1.89 23.08
N GLU B 17 -23.56 0.71 22.67
CA GLU B 17 -23.33 -0.42 23.60
C GLU B 17 -22.25 -0.10 24.64
N GLU B 18 -21.19 0.58 24.21
CA GLU B 18 -20.08 0.92 25.11
C GLU B 18 -20.42 2.02 26.10
N ILE B 19 -21.26 2.96 25.72
CA ILE B 19 -21.73 3.99 26.63
C ILE B 19 -22.45 3.37 27.82
N LEU B 20 -23.41 2.50 27.53
CA LEU B 20 -24.24 1.83 28.54
C LEU B 20 -23.40 1.14 29.61
N ARG B 21 -22.31 0.53 29.18
CA ARG B 21 -21.36 -0.16 30.05
C ARG B 21 -20.87 0.70 31.23
N PHE B 22 -20.64 1.99 30.97
CA PHE B 22 -19.99 2.87 31.94
C PHE B 22 -20.95 3.78 32.67
N PHE B 23 -22.10 4.05 32.06
CA PHE B 23 -23.11 4.88 32.70
C PHE B 23 -23.81 4.12 33.81
N ASN B 24 -23.98 2.81 33.61
CA ASN B 24 -24.66 1.95 34.58
C ASN B 24 -24.13 2.11 36.00
N CYS B 25 -22.96 1.54 36.26
CA CYS B 25 -22.40 1.54 37.60
C CYS B 25 -21.09 2.31 37.61
N HIS B 26 -20.90 3.11 38.65
CA HIS B 26 -19.64 3.81 38.84
C HIS B 26 -18.97 3.32 40.11
N ASP B 27 -17.76 2.80 39.94
CA ASP B 27 -16.95 2.28 41.03
C ASP B 27 -15.68 3.11 41.02
N SER B 28 -15.66 4.13 41.88
CA SER B 28 -14.58 5.12 41.91
C SER B 28 -13.20 4.50 42.10
N ALA B 29 -13.14 3.45 42.91
CA ALA B 29 -11.88 2.77 43.21
C ALA B 29 -11.37 2.03 41.99
N LEU B 30 -12.30 1.50 41.20
CA LEU B 30 -11.93 0.78 39.99
C LEU B 30 -11.36 1.76 38.94
N GLN B 31 -11.89 2.96 38.90
CA GLN B 31 -11.45 3.97 37.94
C GLN B 31 -10.02 4.36 38.33
N GLN B 32 -9.78 4.43 39.64
CA GLN B 32 -8.45 4.71 40.15
C GLN B 32 -7.47 3.55 39.87
N GLU B 33 -7.90 2.29 40.03
CA GLU B 33 -7.05 1.14 39.65
C GLU B 33 -6.68 1.19 38.16
N ALA B 34 -7.68 1.46 37.32
CA ALA B 34 -7.48 1.55 35.87
C ALA B 34 -6.49 2.69 35.52
N THR B 35 -6.65 3.82 36.21
CA THR B 35 -5.77 4.96 35.94
C THR B 35 -4.31 4.58 36.22
N THR B 36 -4.06 3.92 37.35
CA THR B 36 -2.73 3.45 37.69
C THR B 36 -2.17 2.46 36.67
N LEU B 37 -3.00 1.49 36.30
CA LEU B 37 -2.58 0.46 35.38
C LEU B 37 -2.15 1.12 34.04
N LEU B 38 -2.94 2.06 33.57
CA LEU B 38 -2.68 2.71 32.27
C LEU B 38 -1.53 3.71 32.33
N THR B 39 -1.36 4.38 33.47
CA THR B 39 -0.23 5.29 33.63
C THR B 39 1.07 4.49 33.68
N GLN B 40 1.09 3.39 34.41
CA GLN B 40 2.26 2.53 34.43
C GLN B 40 2.58 1.91 33.07
N GLU B 41 1.57 1.44 32.35
CA GLU B 41 1.79 0.88 31.00
C GLU B 41 2.42 1.93 30.10
N ALA B 42 1.84 3.13 30.13
CA ALA B 42 2.32 4.23 29.31
C ALA B 42 3.75 4.65 29.66
N HIS B 43 4.12 4.57 30.94
CA HIS B 43 5.47 4.88 31.39
C HIS B 43 6.45 3.87 30.83
N LEU B 44 6.12 2.58 30.95
CA LEU B 44 6.99 1.51 30.40
C LEU B 44 7.20 1.70 28.89
N LEU B 45 6.13 2.02 28.17
CA LEU B 45 6.24 2.21 26.72
C LEU B 45 7.04 3.46 26.39
N ASP B 46 6.83 4.54 27.13
CA ASP B 46 7.54 5.79 26.86
C ASP B 46 9.04 5.65 27.01
N ILE B 47 9.49 4.83 27.97
CA ILE B 47 10.93 4.63 28.18
C ILE B 47 11.47 3.50 27.29
N GLN B 48 10.60 2.95 26.46
CA GLN B 48 10.92 1.88 25.50
C GLN B 48 11.33 0.56 26.18
N ALA B 49 10.76 0.32 27.36
CA ALA B 49 10.88 -0.95 28.05
C ALA B 49 9.86 -1.95 27.47
N TYR B 50 10.04 -2.29 26.20
CA TYR B 50 9.06 -3.12 25.49
C TYR B 50 8.97 -4.54 26.05
N ARG B 51 10.08 -5.10 26.50
CA ARG B 51 10.04 -6.42 27.14
C ARG B 51 9.27 -6.40 28.46
N ALA B 52 9.58 -5.41 29.29
CA ALA B 52 8.85 -5.19 30.54
C ALA B 52 7.36 -5.00 30.27
N TRP B 53 7.03 -4.24 29.23
CA TRP B 53 5.62 -4.08 28.84
C TRP B 53 4.98 -5.44 28.57
N LEU B 54 5.58 -6.23 27.68
CA LEU B 54 5.07 -7.58 27.41
C LEU B 54 4.90 -8.44 28.65
N GLU B 55 5.89 -8.39 29.54
CA GLU B 55 5.93 -9.24 30.73
C GLU B 55 4.92 -8.81 31.79
N HIS B 56 4.75 -7.49 31.96
CA HIS B 56 3.97 -6.97 33.07
C HIS B 56 2.57 -6.49 32.69
N CYS B 57 2.35 -6.17 31.41
CA CYS B 57 1.11 -5.53 30.97
C CYS B 57 0.28 -6.32 29.98
N VAL B 58 0.87 -7.31 29.31
CA VAL B 58 0.21 -7.96 28.19
C VAL B 58 -0.04 -9.45 28.46
N GLY B 59 -1.32 -9.84 28.40
CA GLY B 59 -1.71 -11.23 28.62
C GLY B 59 -1.41 -12.17 27.46
N SER B 60 -1.17 -13.44 27.77
CA SER B 60 -0.81 -14.41 26.75
C SER B 60 -1.91 -14.58 25.69
N GLU B 61 -3.16 -14.37 26.09
CA GLU B 61 -4.29 -14.48 25.17
C GLU B 61 -4.68 -13.16 24.48
N VAL B 62 -3.79 -12.17 24.50
CA VAL B 62 -4.10 -10.85 23.96
C VAL B 62 -4.49 -10.84 22.49
N GLN B 63 -5.44 -9.96 22.17
CA GLN B 63 -5.67 -9.46 20.81
C GLN B 63 -5.47 -7.94 20.83
N TYR B 64 -4.45 -7.49 20.08
CA TYR B 64 -4.08 -6.07 20.02
C TYR B 64 -4.38 -5.58 18.61
N GLN B 65 -5.46 -4.82 18.48
CA GLN B 65 -6.05 -4.53 17.18
C GLN B 65 -6.33 -3.03 17.02
N VAL B 66 -5.86 -2.51 15.88
CA VAL B 66 -6.04 -1.13 15.44
C VAL B 66 -6.55 -1.24 14.01
N ILE B 67 -7.75 -0.72 13.76
CA ILE B 67 -8.31 -0.79 12.41
C ILE B 67 -8.32 0.57 11.74
N SER B 68 -8.43 0.53 10.43
CA SER B 68 -8.71 1.70 9.61
C SER B 68 -9.91 1.40 8.73
N ARG B 69 -10.93 2.24 8.87
CA ARG B 69 -12.22 2.03 8.27
C ARG B 69 -12.35 2.85 6.99
N GLU B 70 -12.74 2.20 5.89
CA GLU B 70 -12.96 2.88 4.63
C GLU B 70 -14.07 3.94 4.75
N LEU B 71 -13.87 5.07 4.10
CA LEU B 71 -14.87 6.14 4.12
C LEU B 71 -16.00 5.75 3.19
N ARG B 72 -17.20 5.70 3.78
CA ARG B 72 -18.42 5.28 3.08
C ARG B 72 -19.50 6.32 3.33
N ALA B 73 -20.49 6.34 2.45
CA ALA B 73 -21.54 7.34 2.54
C ALA B 73 -22.36 7.06 3.80
N ALA B 74 -22.75 8.12 4.52
CA ALA B 74 -23.55 7.96 5.72
C ALA B 74 -24.84 7.20 5.41
N SER B 75 -25.36 7.37 4.18
CA SER B 75 -26.59 6.69 3.73
C SER B 75 -26.37 5.35 3.02
N GLU B 76 -25.12 4.87 2.95
CA GLU B 76 -24.79 3.63 2.22
C GLU B 76 -25.45 2.40 2.84
N ARG B 77 -26.24 1.69 2.03
CA ARG B 77 -26.94 0.50 2.48
C ARG B 77 -26.73 -0.75 1.60
N ARG B 78 -26.10 -0.61 0.43
CA ARG B 78 -25.95 -1.75 -0.49
C ARG B 78 -24.54 -2.33 -0.53
N TYR B 79 -23.52 -1.47 -0.59
CA TYR B 79 -22.13 -1.90 -0.69
C TYR B 79 -21.66 -2.58 0.59
N LYS B 80 -21.22 -3.83 0.46
CA LYS B 80 -21.17 -4.78 1.57
C LYS B 80 -19.79 -5.35 1.88
N LEU B 81 -18.76 -4.94 1.14
CA LEU B 81 -17.46 -5.57 1.23
C LEU B 81 -16.69 -5.08 2.44
N ASN B 82 -15.62 -5.81 2.81
CA ASN B 82 -14.76 -5.49 3.96
C ASN B 82 -14.73 -4.00 4.31
N GLU B 83 -15.29 -3.64 5.46
CA GLU B 83 -15.36 -2.24 5.88
C GLU B 83 -14.04 -1.67 6.36
N ALA B 84 -13.16 -2.54 6.85
CA ALA B 84 -11.94 -2.09 7.49
C ALA B 84 -10.77 -3.00 7.22
N MET B 85 -9.57 -2.44 7.37
CA MET B 85 -8.36 -3.22 7.42
C MET B 85 -7.70 -3.14 8.80
N ASN B 86 -6.81 -4.07 9.06
CA ASN B 86 -6.11 -4.17 10.33
C ASN B 86 -4.72 -3.59 10.19
N VAL B 87 -4.53 -2.42 10.80
CA VAL B 87 -3.20 -1.85 10.94
C VAL B 87 -2.38 -2.71 11.91
N TYR B 88 -3.02 -3.08 13.01
CA TYR B 88 -2.55 -4.10 13.93
C TYR B 88 -3.66 -5.12 14.15
N ASN B 89 -3.31 -6.40 14.22
CA ASN B 89 -4.24 -7.42 14.71
C ASN B 89 -3.40 -8.57 15.26
N GLU B 90 -2.84 -8.34 16.43
CA GLU B 90 -1.70 -9.11 16.94
C GLU B 90 -2.05 -9.99 18.12
N ASN B 91 -1.59 -11.23 18.05
CA ASN B 91 -1.53 -12.09 19.23
C ASN B 91 -0.20 -11.86 19.96
N PHE B 92 0.03 -12.57 21.06
CA PHE B 92 1.20 -12.34 21.88
C PHE B 92 2.50 -12.54 21.10
N GLN B 93 2.56 -13.63 20.32
CA GLN B 93 3.75 -13.93 19.55
C GLN B 93 4.07 -12.86 18.53
N GLN B 94 3.03 -12.34 17.88
CA GLN B 94 3.19 -11.25 16.91
C GLN B 94 3.66 -9.96 17.58
N LEU B 95 3.14 -9.63 18.76
CA LEU B 95 3.68 -8.51 19.51
C LEU B 95 5.13 -8.74 19.89
N LYS B 96 5.45 -9.96 20.27
CA LYS B 96 6.85 -10.33 20.57
C LYS B 96 7.79 -10.11 19.38
N VAL B 97 7.35 -10.50 18.18
CA VAL B 97 8.11 -10.23 16.94
C VAL B 97 8.36 -8.72 16.81
N ARG B 98 7.33 -7.91 17.00
CA ARG B 98 7.50 -6.46 16.94
C ARG B 98 8.45 -5.92 18.00
N VAL B 99 8.41 -6.49 19.21
CA VAL B 99 9.28 -6.02 20.31
C VAL B 99 10.71 -6.38 19.97
N GLU B 100 10.92 -7.58 19.45
CA GLU B 100 12.27 -8.00 19.03
C GLU B 100 12.81 -7.11 17.92
N HIS B 101 11.95 -6.74 16.97
CA HIS B 101 12.31 -5.79 15.92
C HIS B 101 12.75 -4.43 16.51
N GLN B 102 12.05 -3.94 17.53
CA GLN B 102 12.45 -2.69 18.18
C GLN B 102 13.81 -2.79 18.85
N LEU B 103 14.08 -3.93 19.46
CA LEU B 103 15.29 -4.13 20.24
C LEU B 103 16.51 -4.56 19.42
N ASP B 104 16.30 -4.96 18.17
CA ASP B 104 17.41 -5.46 17.34
C ASP B 104 18.46 -4.36 17.12
N PRO B 105 19.74 -4.67 17.38
CA PRO B 105 20.81 -3.68 17.18
C PRO B 105 21.04 -3.27 15.71
N GLN B 106 20.47 -4.01 14.77
CA GLN B 106 20.47 -3.59 13.36
C GLN B 106 19.16 -2.99 12.88
N ASN B 107 18.32 -2.57 13.82
CA ASN B 107 17.17 -1.73 13.46
C ASN B 107 17.72 -0.33 13.33
N TRP B 108 18.17 0.02 12.12
CA TRP B 108 18.88 1.26 11.91
C TRP B 108 18.01 2.49 12.22
N GLY B 109 16.69 2.33 12.09
CA GLY B 109 15.73 3.41 12.33
C GLY B 109 15.69 3.87 13.76
N ASN B 110 16.22 3.05 14.65
CA ASN B 110 16.24 3.36 16.08
C ASN B 110 17.53 4.00 16.58
N SER B 111 18.41 4.39 15.68
CA SER B 111 19.62 5.15 16.04
C SER B 111 19.63 6.40 15.19
N PRO B 112 19.66 7.58 15.83
CA PRO B 112 19.65 7.83 17.28
C PRO B 112 18.31 7.46 17.92
N LYS B 113 18.36 7.19 19.22
CA LYS B 113 17.19 6.73 19.94
C LYS B 113 15.99 7.67 19.79
N LEU B 114 14.82 7.07 19.54
CA LEU B 114 13.54 7.77 19.49
C LEU B 114 13.15 8.33 20.86
N ARG B 115 12.22 9.30 20.87
CA ARG B 115 11.66 9.81 22.10
C ARG B 115 10.15 9.74 22.05
N PHE B 116 9.56 9.04 23.01
CA PHE B 116 8.11 8.91 23.16
C PHE B 116 7.61 9.61 24.42
N THR B 117 6.47 10.25 24.29
CA THR B 117 5.75 10.84 25.41
C THR B 117 4.25 10.63 25.18
N ARG B 118 3.59 9.93 26.10
CA ARG B 118 2.17 9.57 26.00
C ARG B 118 1.33 10.30 27.04
N PHE B 119 0.15 10.74 26.64
CA PHE B 119 -0.78 11.45 27.51
C PHE B 119 -2.09 10.67 27.52
N ILE B 120 -2.41 10.09 28.67
CA ILE B 120 -3.57 9.21 28.78
C ILE B 120 -4.64 9.94 29.55
N THR B 121 -5.84 10.00 29.00
CA THR B 121 -6.91 10.77 29.62
C THR B 121 -8.26 10.05 29.49
N ASN B 122 -9.28 10.62 30.10
CA ASN B 122 -10.67 10.15 29.97
C ASN B 122 -10.84 8.68 30.34
N VAL B 123 -10.22 8.27 31.43
CA VAL B 123 -10.25 6.86 31.84
C VAL B 123 -11.62 6.51 32.42
N GLN B 124 -12.19 5.40 31.94
CA GLN B 124 -13.41 4.85 32.49
C GLN B 124 -13.19 3.37 32.68
N ALA B 125 -13.76 2.81 33.75
CA ALA B 125 -13.58 1.39 34.04
C ALA B 125 -14.88 0.77 34.51
N ALA B 126 -15.17 -0.44 34.03
CA ALA B 126 -16.35 -1.20 34.48
C ALA B 126 -16.06 -2.69 34.39
N MET B 127 -16.49 -3.43 35.41
CA MET B 127 -16.39 -4.87 35.41
C MET B 127 -17.38 -5.46 34.42
N ASP B 128 -16.98 -6.54 33.76
CA ASP B 128 -17.89 -7.26 32.88
C ASP B 128 -19.07 -7.81 33.71
N VAL B 129 -20.25 -7.82 33.10
CA VAL B 129 -21.48 -8.38 33.68
C VAL B 129 -21.41 -9.89 33.88
N ASN B 130 -20.83 -10.58 32.91
CA ASN B 130 -20.85 -12.03 32.87
C ASN B 130 -19.57 -12.63 33.41
N ASP B 131 -18.42 -12.08 33.01
CA ASP B 131 -17.14 -12.54 33.54
C ASP B 131 -16.66 -11.58 34.61
N LYS B 132 -16.97 -11.89 35.86
CA LYS B 132 -16.64 -11.00 37.00
C LYS B 132 -15.15 -10.69 37.17
N GLU B 133 -14.30 -11.37 36.41
CA GLU B 133 -12.87 -11.15 36.44
C GLU B 133 -12.33 -10.35 35.24
N LEU B 134 -13.22 -9.95 34.33
CA LEU B 134 -12.83 -9.18 33.16
C LEU B 134 -13.13 -7.70 33.40
N LEU B 135 -12.11 -6.85 33.28
CA LEU B 135 -12.27 -5.42 33.51
C LEU B 135 -12.26 -4.69 32.16
N HIS B 136 -13.35 -3.98 31.86
CA HIS B 136 -13.42 -3.12 30.69
C HIS B 136 -12.85 -1.75 31.06
N ILE B 137 -11.81 -1.29 30.34
CA ILE B 137 -11.25 0.04 30.55
C ILE B 137 -11.25 0.80 29.23
N ARG B 138 -11.79 2.01 29.24
CA ARG B 138 -11.73 2.91 28.08
C ARG B 138 -10.84 4.09 28.42
N SER B 139 -9.98 4.47 27.48
CA SER B 139 -9.12 5.64 27.69
C SER B 139 -8.71 6.21 26.34
N ASN B 140 -8.32 7.48 26.35
CA ASN B 140 -7.83 8.17 25.16
C ASN B 140 -6.34 8.45 25.29
N VAL B 141 -5.64 8.42 24.17
CA VAL B 141 -4.21 8.66 24.18
C VAL B 141 -3.81 9.71 23.13
N ILE B 142 -2.95 10.64 23.57
CA ILE B 142 -2.14 11.43 22.65
C ILE B 142 -0.74 10.85 22.78
N LEU B 143 -0.14 10.49 21.66
CA LEU B 143 1.18 9.85 21.65
C LEU B 143 2.06 10.71 20.75
N HIS B 144 3.13 11.22 21.35
CA HIS B 144 4.10 12.11 20.71
C HIS B 144 5.38 11.31 20.46
N ARG B 145 5.80 11.24 19.20
CA ARG B 145 7.03 10.57 18.81
C ARG B 145 7.93 11.56 18.10
N ALA B 146 9.15 11.71 18.61
CA ALA B 146 10.12 12.62 18.04
C ALA B 146 11.41 11.90 17.71
N ARG B 147 11.93 12.19 16.54
CA ARG B 147 13.18 11.56 16.11
C ARG B 147 13.92 12.43 15.10
N ARG B 148 15.22 12.21 15.03
CA ARG B 148 16.09 12.71 13.98
C ARG B 148 16.01 14.21 13.78
N GLY B 149 15.96 14.90 14.91
CA GLY B 149 16.12 16.33 14.96
C GLY B 149 14.83 17.09 14.76
N ASN B 150 14.19 16.84 13.63
CA ASN B 150 13.01 17.62 13.29
C ASN B 150 11.79 16.81 12.84
N GLN B 151 11.79 15.51 13.13
CA GLN B 151 10.61 14.70 12.81
C GLN B 151 9.76 14.63 14.07
N VAL B 152 8.49 15.03 13.96
CA VAL B 152 7.58 15.01 15.08
C VAL B 152 6.24 14.48 14.59
N ASP B 153 5.75 13.42 15.21
CA ASP B 153 4.49 12.80 14.83
C ASP B 153 3.63 12.66 16.05
N VAL B 154 2.38 13.09 15.94
CA VAL B 154 1.45 13.03 17.07
C VAL B 154 0.23 12.22 16.68
N PHE B 155 -0.06 11.23 17.50
CA PHE B 155 -1.16 10.31 17.28
C PHE B 155 -2.25 10.58 18.30
N TYR B 156 -3.50 10.37 17.89
CA TYR B 156 -4.70 10.62 18.72
C TYR B 156 -5.65 9.45 18.58
N ALA B 157 -6.11 8.86 19.67
CA ALA B 157 -6.98 7.68 19.61
C ALA B 157 -7.75 7.41 20.90
N ALA B 158 -8.90 6.74 20.75
CA ALA B 158 -9.65 6.14 21.86
C ALA B 158 -9.39 4.64 21.89
N ARG B 159 -9.14 4.11 23.09
CA ARG B 159 -8.84 2.73 23.30
C ARG B 159 -9.87 1.99 24.10
N GLU B 160 -10.43 0.93 23.53
CA GLU B 160 -11.38 0.05 24.21
C GLU B 160 -10.63 -1.22 24.63
N ASP B 161 -10.34 -1.34 25.92
CA ASP B 161 -9.54 -2.44 26.43
C ASP B 161 -10.36 -3.39 27.26
N LYS B 162 -9.87 -4.62 27.31
CA LYS B 162 -10.28 -5.61 28.31
C LYS B 162 -9.00 -6.05 29.02
N TRP B 163 -9.02 -6.01 30.35
CA TRP B 163 -7.90 -6.43 31.18
C TRP B 163 -8.38 -7.52 32.16
N LYS B 164 -7.51 -8.47 32.46
CA LYS B 164 -7.86 -9.58 33.34
C LYS B 164 -6.67 -9.98 34.20
N ARG B 165 -6.91 -10.38 35.45
CA ARG B 165 -5.81 -10.83 36.31
C ARG B 165 -5.16 -12.09 35.81
N GLY B 166 -3.84 -12.05 35.70
CA GLY B 166 -3.06 -13.18 35.18
C GLY B 166 -2.06 -13.68 36.19
N GLU B 167 -0.84 -14.00 35.73
CA GLU B 167 0.20 -14.55 36.59
C GLU B 167 0.52 -13.64 37.77
N GLY B 168 0.51 -14.19 38.98
CA GLY B 168 0.75 -13.42 40.20
C GLY B 168 -0.37 -12.47 40.61
N GLY B 169 -1.55 -12.64 40.00
CA GLY B 169 -2.66 -11.74 40.23
C GLY B 169 -2.54 -10.37 39.58
N VAL B 170 -1.56 -10.20 38.67
CA VAL B 170 -1.34 -8.93 37.96
C VAL B 170 -2.36 -8.79 36.84
N ARG B 171 -3.06 -7.66 36.78
CA ARG B 171 -3.99 -7.35 35.68
C ARG B 171 -3.22 -7.07 34.40
N LYS B 172 -3.62 -7.77 33.35
CA LYS B 172 -2.94 -7.66 32.08
C LYS B 172 -3.96 -7.47 30.97
N LEU B 173 -3.50 -6.79 29.92
CA LEU B 173 -4.27 -6.51 28.73
C LEU B 173 -4.59 -7.79 27.98
N VAL B 174 -5.88 -8.08 27.80
CA VAL B 174 -6.30 -9.20 26.96
C VAL B 174 -6.95 -8.80 25.63
N GLN B 175 -7.36 -7.55 25.51
CA GLN B 175 -7.82 -7.03 24.22
C GLN B 175 -7.66 -5.52 24.24
N ARG B 176 -7.08 -4.97 23.17
CA ARG B 176 -7.14 -3.54 22.91
C ARG B 176 -7.77 -3.39 21.55
N PHE B 177 -8.74 -2.51 21.44
CA PHE B 177 -9.31 -2.17 20.15
C PHE B 177 -9.29 -0.68 19.95
N VAL B 178 -8.70 -0.27 18.82
CA VAL B 178 -8.68 1.14 18.39
C VAL B 178 -9.20 1.19 16.94
N ASP B 179 -10.15 2.10 16.71
CA ASP B 179 -10.60 2.45 15.38
C ASP B 179 -9.90 3.76 15.08
N TYR B 180 -8.82 3.74 14.30
CA TYR B 180 -7.98 4.92 14.17
C TYR B 180 -8.78 6.03 13.47
N PRO B 181 -8.82 7.24 14.07
CA PRO B 181 -9.69 8.31 13.54
C PRO B 181 -9.30 8.94 12.21
N GLU B 182 -8.01 8.90 11.85
CA GLU B 182 -7.55 9.52 10.61
C GLU B 182 -7.38 8.41 9.57
N ARG B 183 -8.02 8.59 8.43
CA ARG B 183 -8.01 7.58 7.38
C ARG B 183 -6.67 7.49 6.64
N ILE B 184 -6.12 8.64 6.29
CA ILE B 184 -4.81 8.74 5.65
C ILE B 184 -3.83 9.23 6.70
N LEU B 185 -2.85 8.41 7.06
CA LEU B 185 -1.92 8.80 8.10
C LEU B 185 -0.97 9.87 7.56
N GLN B 186 -0.69 10.86 8.41
CA GLN B 186 0.23 11.96 8.08
C GLN B 186 1.39 11.96 9.07
N THR B 187 1.78 10.77 9.50
CA THR B 187 2.77 10.57 10.54
C THR B 187 3.90 9.61 10.09
N HIS B 188 4.11 9.50 8.77
CA HIS B 188 5.08 8.58 8.14
C HIS B 188 4.70 7.08 8.24
N ASN B 189 4.17 6.65 9.39
CA ASN B 189 3.70 5.28 9.61
C ASN B 189 2.90 5.25 10.90
N LEU B 190 2.37 4.10 11.30
CA LEU B 190 1.70 3.94 12.60
C LEU B 190 2.48 2.97 13.49
N MET B 191 3.81 3.03 13.42
CA MET B 191 4.68 2.11 14.11
C MET B 191 4.90 2.52 15.56
N VAL B 192 3.80 2.66 16.29
CA VAL B 192 3.80 3.02 17.72
C VAL B 192 2.76 2.13 18.36
N PHE B 193 2.99 1.73 19.61
CA PHE B 193 1.98 1.00 20.35
C PHE B 193 1.03 2.00 21.00
N LEU B 194 -0.15 2.12 20.42
CA LEU B 194 -1.21 2.91 21.01
C LEU B 194 -1.75 2.16 22.20
#